data_6B72
#
_entry.id   6B72
#
_cell.length_a   109.577
_cell.length_b   109.577
_cell.length_c   247.040
_cell.angle_alpha   90.000
_cell.angle_beta   90.000
_cell.angle_gamma   120.000
#
_symmetry.space_group_name_H-M   'P 32 2 1'
#
loop_
_entity.id
_entity.type
_entity.pdbx_description
1 polymer 'Protein Nef'
2 non-polymer 'octyl beta-D-glucopyranoside'
#
_entity_poly.entity_id   1
_entity_poly.type   'polypeptide(L)'
_entity_poly.pdbx_seq_one_letter_code
;ADCAWLEAQEEEEVGFPVRPQVPLRPMTYKAALDISHFLKEKGGLEGLIWSQRRQEILDLWIYHTQGYFPDWQNYTPGPG
IRYPLTFGWCFKLVPVEPEKVEEANEGENNSLLHPMSLHGMEDAEKEVLVWRFDSKLAFHHMARELHPEYY
;
_entity_poly.pdbx_strand_id   A,B,C,D,E,F
#
loop_
_chem_comp.id
_chem_comp.type
_chem_comp.name
_chem_comp.formula
BOG D-saccharide 'octyl beta-D-glucopyranoside' 'C14 H28 O6'
#
# COMPACT_ATOMS: atom_id res chain seq x y z
N ALA A 1 -4.86 9.17 7.98
CA ALA A 1 -5.69 9.72 9.09
C ALA A 1 -5.54 8.93 10.41
N ASP A 2 -5.38 7.61 10.31
CA ASP A 2 -5.22 6.73 11.49
C ASP A 2 -3.98 7.08 12.32
N CYS A 3 -2.84 7.24 11.64
CA CYS A 3 -1.58 7.63 12.28
C CYS A 3 -1.58 9.07 12.78
N ALA A 4 -2.22 9.97 12.02
CA ALA A 4 -2.36 11.39 12.41
C ALA A 4 -3.06 11.58 13.76
N TRP A 5 -3.95 10.66 14.14
CA TRP A 5 -4.62 10.68 15.45
C TRP A 5 -3.68 10.36 16.62
N LEU A 6 -2.79 9.38 16.42
CA LEU A 6 -1.87 8.94 17.47
C LEU A 6 -0.93 10.08 17.88
N GLU A 7 -0.33 10.74 16.89
CA GLU A 7 0.56 11.89 17.15
C GLU A 7 -0.19 13.07 17.80
N ALA A 8 -1.46 13.25 17.43
CA ALA A 8 -2.28 14.33 18.01
C ALA A 8 -2.54 14.10 19.49
N GLN A 9 -2.99 12.90 19.87
CA GLN A 9 -3.30 12.62 21.28
C GLN A 9 -2.08 12.62 22.21
N GLU A 10 -0.93 12.19 21.69
CA GLU A 10 0.29 12.17 22.51
C GLU A 10 0.85 13.58 22.74
N GLU A 11 0.67 14.48 21.78
CA GLU A 11 0.93 15.92 22.00
C GLU A 11 -0.07 16.45 23.03
N GLU A 12 -1.36 16.20 22.76
CA GLU A 12 -2.47 16.54 23.67
C GLU A 12 -2.34 16.02 25.09
N GLU A 13 -1.60 14.93 25.29
CA GLU A 13 -1.39 14.33 26.62
C GLU A 13 -0.67 15.25 27.62
N VAL A 14 -0.07 16.35 27.15
CA VAL A 14 0.37 17.44 28.05
C VAL A 14 0.11 18.86 27.48
N GLY A 15 -1.07 19.47 27.72
CA GLY A 15 -2.30 18.83 28.25
C GLY A 15 -3.46 19.45 27.48
N PHE A 16 -4.61 18.77 27.36
CA PHE A 16 -5.67 19.25 26.43
C PHE A 16 -7.07 18.68 26.70
N PRO A 17 -8.10 19.51 26.90
CA PRO A 17 -7.98 20.95 27.16
C PRO A 17 -7.50 21.22 28.58
N VAL A 18 -7.97 20.38 29.51
CA VAL A 18 -7.50 20.38 30.89
C VAL A 18 -6.94 19.00 31.18
N ARG A 19 -5.88 18.92 31.98
CA ARG A 19 -5.42 17.65 32.52
C ARG A 19 -6.50 17.09 33.46
N PRO A 20 -6.69 15.75 33.50
CA PRO A 20 -7.78 15.19 34.31
C PRO A 20 -7.73 15.60 35.77
N GLN A 21 -8.91 15.76 36.38
CA GLN A 21 -9.05 16.29 37.73
C GLN A 21 -8.54 15.33 38.81
N VAL A 22 -8.65 14.03 38.55
CA VAL A 22 -8.27 12.99 39.53
C VAL A 22 -6.89 12.37 39.25
N PRO A 23 -6.29 11.69 40.26
CA PRO A 23 -5.04 10.92 40.03
C PRO A 23 -5.15 9.92 38.88
N LEU A 24 -4.07 9.82 38.12
CA LEU A 24 -4.07 9.27 36.78
C LEU A 24 -3.53 7.84 36.75
N ARG A 25 -4.42 6.85 36.83
CA ARG A 25 -4.04 5.42 36.98
C ARG A 25 -3.94 4.68 35.64
N PRO A 26 -3.64 3.36 35.68
CA PRO A 26 -3.89 2.45 34.57
C PRO A 26 -5.03 1.47 34.88
N MET A 27 -5.73 1.03 33.84
CA MET A 27 -7.00 0.30 33.97
C MET A 27 -6.85 -1.01 34.74
N THR A 28 -7.72 -1.22 35.73
CA THR A 28 -7.76 -2.45 36.53
C THR A 28 -8.98 -3.29 36.19
N TYR A 29 -8.96 -4.54 36.64
CA TYR A 29 -10.08 -5.46 36.46
C TYR A 29 -11.35 -4.87 37.06
N LYS A 30 -11.28 -4.42 38.32
CA LYS A 30 -12.47 -3.99 39.04
C LYS A 30 -13.04 -2.68 38.52
N ALA A 31 -12.14 -1.76 38.18
CA ALA A 31 -12.51 -0.51 37.52
C ALA A 31 -13.28 -0.81 36.24
N ALA A 32 -12.67 -1.61 35.37
CA ALA A 32 -13.30 -2.02 34.11
C ALA A 32 -14.65 -2.72 34.33
N LEU A 33 -14.76 -3.47 35.41
CA LEU A 33 -16.01 -4.15 35.78
C LEU A 33 -17.10 -3.15 36.15
N ASP A 34 -16.74 -2.22 37.04
CA ASP A 34 -17.69 -1.19 37.51
C ASP A 34 -18.13 -0.23 36.39
N ILE A 35 -17.18 0.19 35.55
CA ILE A 35 -17.47 1.12 34.45
C ILE A 35 -18.41 0.49 33.41
N SER A 36 -18.21 -0.79 33.11
CA SER A 36 -19.08 -1.53 32.19
C SER A 36 -20.51 -1.61 32.71
N HIS A 37 -20.64 -2.07 33.95
CA HIS A 37 -21.94 -2.22 34.59
C HIS A 37 -22.61 -0.86 34.81
N PHE A 38 -21.81 0.17 35.04
CA PHE A 38 -22.31 1.55 35.06
C PHE A 38 -22.88 1.93 33.70
N LEU A 39 -22.05 1.83 32.67
CA LEU A 39 -22.44 2.20 31.30
C LEU A 39 -23.66 1.46 30.74
N LYS A 40 -23.94 0.24 31.23
CA LYS A 40 -25.20 -0.44 30.91
C LYS A 40 -26.37 0.24 31.60
N GLU A 41 -26.34 0.26 32.93
CA GLU A 41 -27.43 0.84 33.73
C GLU A 41 -27.74 2.26 33.28
N LYS A 42 -26.75 3.15 33.43
CA LYS A 42 -26.89 4.58 33.10
C LYS A 42 -25.88 4.93 32.03
N GLY A 43 -26.35 5.51 30.92
CA GLY A 43 -25.52 5.71 29.74
C GLY A 43 -25.86 4.70 28.67
N GLY A 44 -25.33 4.91 27.47
CA GLY A 44 -25.76 4.16 26.29
C GLY A 44 -24.67 3.85 25.28
N LEU A 45 -23.98 2.73 25.54
CA LEU A 45 -23.15 2.06 24.53
C LEU A 45 -23.98 1.03 23.75
N GLU A 46 -24.80 0.29 24.50
CA GLU A 46 -25.52 -0.87 23.98
C GLU A 46 -26.18 -0.61 22.63
N GLY A 47 -25.71 -1.31 21.60
CA GLY A 47 -26.29 -1.23 20.27
C GLY A 47 -25.49 -0.41 19.27
N LEU A 48 -24.85 0.67 19.73
CA LEU A 48 -24.13 1.60 18.85
C LEU A 48 -23.12 0.94 17.92
N ILE A 49 -23.02 1.47 16.71
CA ILE A 49 -22.06 0.96 15.72
C ILE A 49 -20.70 1.49 16.13
N TRP A 50 -19.72 0.60 16.24
CA TRP A 50 -18.37 0.98 16.67
C TRP A 50 -17.70 1.82 15.60
N SER A 51 -16.90 2.79 16.03
CA SER A 51 -16.00 3.54 15.16
C SER A 51 -14.76 3.98 15.93
N GLN A 52 -13.68 4.25 15.20
CA GLN A 52 -12.44 4.76 15.79
C GLN A 52 -12.70 5.99 16.67
N ARG A 53 -13.55 6.89 16.19
CA ARG A 53 -13.82 8.15 16.91
C ARG A 53 -14.67 7.94 18.17
N ARG A 54 -15.74 7.15 18.06
CA ARG A 54 -16.62 6.87 19.20
C ARG A 54 -15.83 6.23 20.35
N GLN A 55 -15.00 5.25 20.02
CA GLN A 55 -14.12 4.62 21.00
C GLN A 55 -13.28 5.68 21.73
N GLU A 56 -12.72 6.63 20.97
CA GLU A 56 -11.95 7.73 21.53
C GLU A 56 -12.76 8.66 22.45
N ILE A 57 -14.00 9.00 22.07
CA ILE A 57 -14.89 9.80 22.95
C ILE A 57 -15.13 9.05 24.25
N LEU A 58 -15.35 7.73 24.13
CA LEU A 58 -15.54 6.86 25.30
C LEU A 58 -14.28 6.71 26.15
N ASP A 59 -13.12 6.53 25.49
CA ASP A 59 -11.83 6.46 26.18
C ASP A 59 -11.50 7.75 26.92
N LEU A 60 -11.74 8.90 26.29
CA LEU A 60 -11.48 10.20 26.91
C LEU A 60 -12.43 10.55 28.04
N TRP A 61 -13.70 10.11 27.94
CA TRP A 61 -14.67 10.32 29.02
C TRP A 61 -14.25 9.59 30.28
N ILE A 62 -13.79 8.35 30.12
CA ILE A 62 -13.26 7.56 31.24
C ILE A 62 -11.97 8.19 31.79
N TYR A 63 -11.10 8.62 30.87
CA TYR A 63 -9.82 9.25 31.22
C TYR A 63 -9.99 10.54 32.02
N HIS A 64 -10.94 11.39 31.63
CA HIS A 64 -11.16 12.65 32.34
C HIS A 64 -11.96 12.48 33.64
N THR A 65 -12.91 11.54 33.64
CA THR A 65 -13.78 11.30 34.80
C THR A 65 -13.07 10.49 35.88
N GLN A 66 -12.46 9.38 35.48
CA GLN A 66 -11.85 8.41 36.40
C GLN A 66 -10.31 8.37 36.37
N GLY A 67 -9.68 8.97 35.37
CA GLY A 67 -8.21 9.06 35.34
C GLY A 67 -7.47 7.88 34.72
N TYR A 68 -8.18 6.86 34.23
CA TYR A 68 -7.50 5.71 33.65
C TYR A 68 -6.97 6.04 32.26
N PHE A 69 -5.64 6.09 32.14
CA PHE A 69 -4.91 6.16 30.85
C PHE A 69 -5.68 5.50 29.72
N PRO A 70 -5.91 6.21 28.58
CA PRO A 70 -6.62 5.57 27.46
C PRO A 70 -5.74 4.59 26.63
N ASP A 71 -5.06 3.69 27.34
CA ASP A 71 -4.09 2.75 26.76
C ASP A 71 -4.69 1.34 26.72
N TRP A 72 -5.94 1.19 27.16
CA TRP A 72 -6.48 -0.10 27.61
C TRP A 72 -7.46 -0.81 26.68
N GLN A 73 -8.41 -0.09 26.10
CA GLN A 73 -9.54 -0.71 25.37
C GLN A 73 -9.10 -1.30 24.03
N ASN A 74 -8.73 -2.58 24.06
CA ASN A 74 -8.22 -3.28 22.90
C ASN A 74 -8.97 -4.60 22.76
N TYR A 75 -9.23 -4.99 21.52
CA TYR A 75 -9.98 -6.20 21.24
C TYR A 75 -9.14 -7.18 20.41
N THR A 76 -9.62 -8.42 20.27
CA THR A 76 -8.99 -9.41 19.41
C THR A 76 -9.12 -9.00 17.94
N PRO A 77 -8.33 -9.58 17.03
CA PRO A 77 -8.51 -9.27 15.61
C PRO A 77 -9.70 -10.00 15.00
N GLY A 78 -10.12 -9.55 13.81
CA GLY A 78 -11.21 -10.20 13.07
C GLY A 78 -10.78 -11.50 12.39
N PRO A 79 -11.69 -12.19 11.70
CA PRO A 79 -13.09 -11.78 11.56
C PRO A 79 -13.93 -12.20 12.76
N GLY A 80 -15.20 -11.83 12.75
CA GLY A 80 -16.16 -12.27 13.76
C GLY A 80 -16.11 -11.49 15.06
N ILE A 81 -16.47 -12.18 16.15
CA ILE A 81 -16.67 -11.53 17.46
C ILE A 81 -15.32 -11.04 17.99
N ARG A 82 -15.33 -9.84 18.56
CA ARG A 82 -14.12 -9.09 18.86
C ARG A 82 -14.01 -8.95 20.39
N TYR A 83 -13.07 -9.68 21.00
CA TYR A 83 -13.02 -9.86 22.47
C TYR A 83 -12.04 -8.94 23.18
N PRO A 84 -12.46 -8.35 24.31
CA PRO A 84 -11.61 -7.40 25.01
C PRO A 84 -10.38 -8.04 25.65
N LEU A 85 -9.21 -7.46 25.39
CA LEU A 85 -7.96 -7.97 25.97
C LEU A 85 -7.84 -7.63 27.45
N THR A 86 -8.39 -6.49 27.87
CA THR A 86 -8.43 -6.11 29.29
C THR A 86 -9.57 -6.86 29.97
N PHE A 87 -9.21 -7.70 30.93
CA PHE A 87 -10.17 -8.52 31.66
C PHE A 87 -10.87 -7.62 32.69
N GLY A 88 -12.20 -7.75 32.77
CA GLY A 88 -13.05 -6.89 33.62
C GLY A 88 -14.05 -6.10 32.80
N TRP A 89 -13.58 -5.58 31.67
CA TRP A 89 -14.41 -4.88 30.69
C TRP A 89 -15.42 -5.87 30.09
N CYS A 90 -16.71 -5.58 30.27
CA CYS A 90 -17.80 -6.48 29.88
C CYS A 90 -18.51 -6.01 28.61
N PHE A 91 -17.72 -5.63 27.61
CA PHE A 91 -18.25 -5.31 26.28
C PHE A 91 -17.40 -6.02 25.23
N LYS A 92 -18.07 -6.44 24.16
CA LYS A 92 -17.43 -7.04 23.00
C LYS A 92 -18.06 -6.48 21.74
N LEU A 93 -17.34 -6.53 20.64
CA LEU A 93 -17.86 -6.05 19.35
C LEU A 93 -18.37 -7.23 18.53
N VAL A 94 -19.68 -7.27 18.28
CA VAL A 94 -20.29 -8.31 17.43
C VAL A 94 -20.60 -7.74 16.02
N PRO A 95 -20.31 -8.51 14.95
CA PRO A 95 -20.78 -8.10 13.63
C PRO A 95 -22.31 -8.10 13.51
N VAL A 96 -22.82 -7.38 12.52
CA VAL A 96 -24.28 -7.18 12.37
C VAL A 96 -24.73 -7.24 10.91
N GLU A 97 -25.42 -8.32 10.55
CA GLU A 97 -26.08 -8.45 9.25
C GLU A 97 -27.16 -9.54 9.29
N GLU A 125 -10.36 -8.22 5.80
CA GLU A 125 -11.81 -8.33 5.80
C GLU A 125 -12.43 -7.54 6.96
N LYS A 126 -12.90 -6.33 6.65
CA LYS A 126 -13.49 -5.41 7.64
C LYS A 126 -15.01 -5.42 7.54
N GLU A 127 -15.67 -5.32 8.69
CA GLU A 127 -17.13 -5.48 8.81
C GLU A 127 -17.71 -4.54 9.86
N VAL A 128 -19.02 -4.31 9.77
CA VAL A 128 -19.70 -3.37 10.68
C VAL A 128 -19.88 -4.03 12.04
N LEU A 129 -19.31 -3.42 13.08
CA LEU A 129 -19.34 -3.96 14.45
C LEU A 129 -20.33 -3.21 15.34
N VAL A 130 -20.63 -3.82 16.49
CA VAL A 130 -21.54 -3.23 17.49
C VAL A 130 -21.11 -3.62 18.91
N TRP A 131 -20.96 -2.62 19.78
CA TRP A 131 -20.79 -2.84 21.22
C TRP A 131 -21.95 -3.66 21.79
N ARG A 132 -21.66 -4.82 22.36
CA ARG A 132 -22.66 -5.64 23.07
C ARG A 132 -22.16 -6.00 24.46
N PHE A 133 -23.02 -5.80 25.46
CA PHE A 133 -22.72 -6.18 26.83
C PHE A 133 -22.83 -7.69 26.98
N ASP A 134 -21.98 -8.26 27.83
CA ASP A 134 -22.01 -9.69 28.12
C ASP A 134 -21.41 -9.85 29.52
N SER A 135 -22.27 -10.16 30.50
CA SER A 135 -21.83 -10.28 31.90
C SER A 135 -20.89 -11.47 32.16
N LYS A 136 -20.96 -12.48 31.29
CA LYS A 136 -20.01 -13.60 31.32
C LYS A 136 -18.54 -13.18 31.10
N LEU A 137 -18.31 -12.07 30.42
CA LEU A 137 -16.96 -11.52 30.24
C LEU A 137 -16.25 -11.16 31.56
N ALA A 138 -17.04 -10.90 32.61
CA ALA A 138 -16.50 -10.68 33.96
C ALA A 138 -15.78 -11.90 34.53
N PHE A 139 -16.31 -13.09 34.25
CA PHE A 139 -15.81 -14.35 34.82
C PHE A 139 -14.92 -15.16 33.88
N HIS A 140 -15.01 -14.92 32.57
CA HIS A 140 -14.24 -15.68 31.59
C HIS A 140 -13.50 -14.73 30.68
N HIS A 141 -12.17 -14.76 30.75
CA HIS A 141 -11.34 -13.90 29.91
C HIS A 141 -11.24 -14.53 28.53
N MET A 142 -12.27 -14.31 27.73
CA MET A 142 -12.44 -15.00 26.45
C MET A 142 -11.33 -14.67 25.44
N ALA A 143 -10.81 -13.44 25.48
CA ALA A 143 -9.64 -13.06 24.67
C ALA A 143 -8.41 -13.91 25.01
N ARG A 144 -8.24 -14.21 26.30
CA ARG A 144 -7.15 -15.05 26.82
C ARG A 144 -7.28 -16.50 26.36
N GLU A 145 -8.49 -17.06 26.51
CA GLU A 145 -8.76 -18.46 26.19
C GLU A 145 -8.64 -18.76 24.70
N LEU A 146 -8.99 -17.80 23.85
CA LEU A 146 -8.91 -17.95 22.39
C LEU A 146 -7.53 -17.57 21.82
N HIS A 147 -6.88 -16.56 22.40
CA HIS A 147 -5.56 -16.11 21.94
C HIS A 147 -4.57 -16.01 23.12
N PRO A 148 -3.92 -17.14 23.49
CA PRO A 148 -2.77 -17.10 24.41
C PRO A 148 -1.55 -16.34 23.86
N GLU A 149 -1.48 -16.21 22.53
CA GLU A 149 -0.51 -15.34 21.83
C GLU A 149 -0.14 -14.07 22.61
N TYR A 150 -1.17 -13.32 23.02
CA TYR A 150 -0.99 -11.98 23.62
C TYR A 150 -0.47 -11.96 25.07
N TYR A 151 -0.37 -13.12 25.72
CA TYR A 151 0.01 -13.23 27.13
C TYR A 151 1.13 -14.24 27.31
N CYS B 3 -19.64 15.39 7.16
CA CYS B 3 -21.02 14.81 7.16
C CYS B 3 -21.08 13.32 7.55
N ALA B 4 -19.99 12.59 7.36
CA ALA B 4 -19.84 11.24 7.95
C ALA B 4 -19.82 11.29 9.48
N TRP B 5 -19.33 12.40 10.02
CA TRP B 5 -19.28 12.64 11.47
C TRP B 5 -20.61 13.15 12.05
N LEU B 6 -21.32 13.99 11.31
CA LEU B 6 -22.56 14.64 11.80
C LEU B 6 -23.70 13.64 12.05
N GLU B 7 -23.85 12.65 11.17
CA GLU B 7 -24.84 11.58 11.36
C GLU B 7 -24.53 10.74 12.59
N ALA B 8 -23.25 10.44 12.81
CA ALA B 8 -22.79 9.74 14.01
C ALA B 8 -23.03 10.58 15.26
N GLN B 9 -22.67 11.86 15.18
CA GLN B 9 -22.88 12.84 16.28
C GLN B 9 -24.35 13.01 16.70
N GLU B 10 -25.26 12.98 15.72
CA GLU B 10 -26.69 13.18 15.99
C GLU B 10 -27.28 11.93 16.66
N GLU B 11 -26.96 10.77 16.10
CA GLU B 11 -27.30 9.45 16.67
C GLU B 11 -26.88 9.36 18.14
N GLU B 12 -25.62 9.72 18.40
CA GLU B 12 -25.04 9.75 19.76
C GLU B 12 -25.80 10.62 20.77
N GLU B 13 -26.37 11.72 20.30
CA GLU B 13 -26.96 12.75 21.18
C GLU B 13 -28.00 12.25 22.21
N VAL B 14 -28.49 11.02 22.05
CA VAL B 14 -29.23 10.31 23.13
C VAL B 14 -28.75 8.84 23.29
N GLY B 15 -27.79 8.54 24.18
CA GLY B 15 -27.05 9.53 24.99
C GLY B 15 -25.65 9.03 25.30
N PHE B 16 -24.79 9.05 24.28
CA PHE B 16 -23.45 8.45 24.31
C PHE B 16 -22.39 9.43 24.81
N PRO B 17 -21.40 8.99 25.60
CA PRO B 17 -21.35 7.71 26.30
C PRO B 17 -22.18 7.74 27.57
N VAL B 18 -22.29 8.92 28.18
CA VAL B 18 -23.32 9.24 29.15
C VAL B 18 -23.95 10.58 28.74
N ARG B 19 -25.19 10.82 29.19
CA ARG B 19 -25.78 12.16 29.10
C ARG B 19 -25.03 13.08 30.07
N PRO B 20 -24.77 14.35 29.68
CA PRO B 20 -24.00 15.25 30.53
C PRO B 20 -24.69 15.50 31.87
N GLN B 21 -23.90 15.66 32.94
CA GLN B 21 -24.43 15.55 34.31
C GLN B 21 -25.19 16.79 34.76
N VAL B 22 -24.67 17.97 34.46
CA VAL B 22 -25.42 19.23 34.68
C VAL B 22 -26.38 19.47 33.50
N PRO B 23 -27.53 20.15 33.76
CA PRO B 23 -28.57 20.24 32.73
C PRO B 23 -28.20 21.15 31.55
N LEU B 24 -28.73 20.82 30.38
CA LEU B 24 -28.38 21.47 29.12
C LEU B 24 -28.85 22.92 29.04
N ARG B 25 -27.99 23.80 28.53
CA ARG B 25 -28.35 25.21 28.26
C ARG B 25 -27.46 25.81 27.18
N PRO B 26 -27.94 26.87 26.49
CA PRO B 26 -27.21 27.43 25.35
C PRO B 26 -26.07 28.33 25.77
N MET B 27 -25.04 28.44 24.92
CA MET B 27 -23.83 29.20 25.23
C MET B 27 -24.16 30.68 25.35
N THR B 28 -23.51 31.33 26.33
CA THR B 28 -23.74 32.74 26.65
C THR B 28 -22.42 33.50 26.59
N TYR B 29 -22.52 34.84 26.59
CA TYR B 29 -21.34 35.71 26.57
C TYR B 29 -20.44 35.40 27.76
N LYS B 30 -21.01 35.45 28.97
CA LYS B 30 -20.20 35.25 30.17
C LYS B 30 -19.65 33.84 30.31
N ALA B 31 -20.47 32.83 29.98
CA ALA B 31 -19.98 31.45 30.01
C ALA B 31 -18.76 31.32 29.12
N ALA B 32 -18.89 31.79 27.88
CA ALA B 32 -17.79 31.78 26.92
C ALA B 32 -16.56 32.53 27.44
N LEU B 33 -16.81 33.67 28.10
CA LEU B 33 -15.73 34.49 28.68
C LEU B 33 -15.01 33.72 29.80
N ASP B 34 -15.78 33.20 30.75
CA ASP B 34 -15.23 32.46 31.89
C ASP B 34 -14.46 31.21 31.48
N ILE B 35 -15.01 30.46 30.52
CA ILE B 35 -14.37 29.24 30.03
C ILE B 35 -13.02 29.57 29.37
N SER B 36 -12.99 30.60 28.52
CA SER B 36 -11.76 31.05 27.88
C SER B 36 -10.67 31.37 28.89
N HIS B 37 -11.00 32.20 29.87
CA HIS B 37 -10.04 32.63 30.90
C HIS B 37 -9.62 31.48 31.80
N PHE B 38 -10.52 30.50 31.99
CA PHE B 38 -10.16 29.26 32.68
C PHE B 38 -9.18 28.45 31.84
N LEU B 39 -9.51 28.22 30.57
CA LEU B 39 -8.64 27.46 29.66
C LEU B 39 -7.23 28.05 29.50
N LYS B 40 -7.07 29.38 29.54
CA LYS B 40 -5.72 29.96 29.49
C LYS B 40 -4.94 29.70 30.78
N GLU B 41 -5.55 29.99 31.93
CA GLU B 41 -4.86 29.80 33.22
C GLU B 41 -4.59 28.33 33.51
N LYS B 42 -5.66 27.54 33.56
CA LYS B 42 -5.61 26.14 33.97
C LYS B 42 -6.01 25.24 32.83
N GLY B 43 -5.27 25.33 31.72
CA GLY B 43 -5.52 24.49 30.56
C GLY B 43 -4.43 24.57 29.52
N GLY B 44 -4.64 23.88 28.39
CA GLY B 44 -3.64 23.79 27.35
C GLY B 44 -4.24 23.80 25.96
N LEU B 45 -5.02 24.84 25.68
CA LEU B 45 -5.51 25.14 24.34
C LEU B 45 -4.51 26.01 23.57
N GLU B 46 -3.66 26.74 24.29
CA GLU B 46 -2.75 27.74 23.72
C GLU B 46 -1.69 27.12 22.81
N GLY B 47 -1.55 27.69 21.60
CA GLY B 47 -0.51 27.29 20.66
C GLY B 47 -0.75 26.02 19.85
N LEU B 48 -1.85 25.31 20.14
CA LEU B 48 -2.06 23.96 19.62
C LEU B 48 -2.65 24.05 18.20
N ILE B 49 -2.17 23.22 17.28
CA ILE B 49 -2.67 23.24 15.90
C ILE B 49 -4.11 22.72 15.89
N TRP B 50 -4.98 23.45 15.19
CA TRP B 50 -6.41 23.15 15.14
C TRP B 50 -6.68 21.96 14.25
N SER B 51 -7.72 21.19 14.59
CA SER B 51 -8.28 20.16 13.73
C SER B 51 -9.76 19.94 14.06
N GLN B 52 -10.46 19.23 13.19
CA GLN B 52 -11.88 18.95 13.41
C GLN B 52 -12.06 18.15 14.70
N ARG B 53 -11.26 17.10 14.88
CA ARG B 53 -11.37 16.25 16.07
C ARG B 53 -11.00 16.99 17.36
N ARG B 54 -9.91 17.76 17.32
CA ARG B 54 -9.49 18.52 18.50
C ARG B 54 -10.58 19.49 18.96
N GLN B 55 -11.24 20.15 18.01
CA GLN B 55 -12.34 21.05 18.36
C GLN B 55 -13.50 20.26 18.98
N GLU B 56 -13.80 19.07 18.43
CA GLU B 56 -14.85 18.23 19.00
C GLU B 56 -14.51 17.73 20.43
N ILE B 57 -13.26 17.36 20.70
CA ILE B 57 -12.86 16.95 22.06
C ILE B 57 -13.07 18.13 23.03
N LEU B 58 -12.72 19.34 22.58
CA LEU B 58 -12.94 20.58 23.34
C LEU B 58 -14.42 20.87 23.54
N ASP B 59 -15.20 20.77 22.46
CA ASP B 59 -16.65 20.98 22.49
C ASP B 59 -17.36 20.01 23.43
N LEU B 60 -16.99 18.74 23.39
CA LEU B 60 -17.60 17.72 24.23
C LEU B 60 -17.19 17.83 25.70
N TRP B 61 -15.95 18.26 25.95
CA TRP B 61 -15.50 18.52 27.32
C TRP B 61 -16.34 19.62 27.96
N ILE B 62 -16.67 20.66 27.21
CA ILE B 62 -17.54 21.74 27.69
C ILE B 62 -18.98 21.23 27.86
N TYR B 63 -19.50 20.56 26.84
CA TYR B 63 -20.85 19.96 26.87
C TYR B 63 -21.07 19.06 28.07
N HIS B 64 -20.07 18.27 28.43
CA HIS B 64 -20.19 17.35 29.56
C HIS B 64 -19.92 18.03 30.89
N THR B 65 -18.89 18.87 30.95
CA THR B 65 -18.54 19.56 32.18
C THR B 65 -19.60 20.58 32.57
N GLN B 66 -19.98 21.42 31.61
CA GLN B 66 -20.83 22.59 31.86
C GLN B 66 -22.23 22.58 31.22
N GLY B 67 -22.48 21.68 30.27
CA GLY B 67 -23.83 21.52 29.69
C GLY B 67 -24.17 22.35 28.45
N TYR B 68 -23.17 23.01 27.85
CA TYR B 68 -23.43 23.86 26.69
C TYR B 68 -23.43 23.06 25.38
N PHE B 69 -24.61 22.98 24.75
CA PHE B 69 -24.81 22.26 23.46
C PHE B 69 -23.68 22.64 22.49
N PRO B 70 -22.92 21.66 21.96
CA PRO B 70 -21.79 22.01 21.08
C PRO B 70 -22.20 22.52 19.68
N ASP B 71 -22.68 23.77 19.63
CA ASP B 71 -23.04 24.44 18.37
C ASP B 71 -22.60 25.91 18.35
N TRP B 72 -21.60 26.23 19.15
CA TRP B 72 -21.24 27.63 19.50
C TRP B 72 -19.84 28.05 19.04
N GLN B 73 -18.91 27.09 18.90
CA GLN B 73 -17.51 27.39 18.61
C GLN B 73 -17.24 27.27 17.11
N ASN B 74 -17.83 28.20 16.37
CA ASN B 74 -17.57 28.32 14.93
C ASN B 74 -16.93 29.68 14.68
N TYR B 75 -16.20 29.78 13.57
CA TYR B 75 -15.41 30.96 13.26
C TYR B 75 -15.73 31.49 11.86
N THR B 76 -15.16 32.63 11.51
CA THR B 76 -15.32 33.24 10.18
C THR B 76 -14.62 32.36 9.12
N PRO B 77 -14.95 32.55 7.82
CA PRO B 77 -14.22 31.78 6.81
C PRO B 77 -12.84 32.36 6.54
N GLY B 78 -11.99 31.59 5.86
CA GLY B 78 -10.64 32.03 5.50
C GLY B 78 -10.64 33.00 4.33
N PRO B 79 -9.45 33.42 3.86
CA PRO B 79 -8.17 33.09 4.49
C PRO B 79 -7.82 34.11 5.56
N GLY B 80 -6.78 33.81 6.35
CA GLY B 80 -6.26 34.73 7.36
C GLY B 80 -6.74 34.41 8.76
N ILE B 81 -6.79 35.44 9.60
CA ILE B 81 -7.08 35.28 11.04
C ILE B 81 -8.57 34.95 11.18
N ARG B 82 -8.85 33.85 11.86
CA ARG B 82 -10.18 33.21 11.85
C ARG B 82 -10.93 33.54 13.15
N TYR B 83 -11.99 34.35 13.03
CA TYR B 83 -12.61 35.02 14.19
C TYR B 83 -13.86 34.34 14.74
N PRO B 84 -13.98 34.27 16.09
CA PRO B 84 -15.10 33.56 16.71
C PRO B 84 -16.44 34.27 16.53
N LEU B 85 -17.43 33.52 16.06
CA LEU B 85 -18.78 34.04 15.85
C LEU B 85 -19.51 34.33 17.17
N THR B 86 -19.27 33.50 18.19
CA THR B 86 -19.85 33.71 19.52
C THR B 86 -19.05 34.74 20.31
N PHE B 87 -19.71 35.81 20.71
CA PHE B 87 -19.08 36.87 21.48
C PHE B 87 -18.91 36.41 22.93
N GLY B 88 -17.71 36.60 23.48
CA GLY B 88 -17.34 36.06 24.80
C GLY B 88 -16.15 35.11 24.71
N TRP B 89 -16.13 34.30 23.66
CA TRP B 89 -15.04 33.36 23.40
C TRP B 89 -13.78 34.13 22.98
N CYS B 90 -12.73 34.03 23.81
CA CYS B 90 -11.47 34.77 23.62
C CYS B 90 -10.34 33.93 23.01
N PHE B 91 -10.69 33.09 22.03
CA PHE B 91 -9.71 32.39 21.22
C PHE B 91 -10.03 32.64 19.75
N LYS B 92 -9.00 32.85 18.95
CA LYS B 92 -9.11 32.99 17.51
C LYS B 92 -8.10 32.04 16.90
N LEU B 93 -8.34 31.64 15.65
CA LEU B 93 -7.44 30.73 14.96
C LEU B 93 -6.56 31.52 13.99
N VAL B 94 -5.27 31.67 14.31
CA VAL B 94 -4.32 32.41 13.45
C VAL B 94 -3.53 31.42 12.58
N PRO B 95 -3.32 31.75 11.28
CA PRO B 95 -2.42 30.92 10.48
C PRO B 95 -0.99 30.93 11.00
N VAL B 96 -0.24 29.85 10.74
CA VAL B 96 1.13 29.72 11.23
C VAL B 96 2.16 29.89 10.10
N GLU B 97 2.57 31.15 9.90
CA GLU B 97 3.72 31.54 9.07
C GLU B 97 3.83 33.06 9.02
N LYS B 126 -7.41 26.39 2.82
CA LYS B 126 -6.79 25.35 3.65
C LYS B 126 -5.34 25.69 4.04
N GLU B 127 -5.20 26.20 5.27
CA GLU B 127 -3.92 26.61 5.85
C GLU B 127 -3.87 26.14 7.31
N VAL B 128 -2.67 25.96 7.85
CA VAL B 128 -2.51 25.42 9.20
C VAL B 128 -2.80 26.51 10.24
N LEU B 129 -3.82 26.29 11.07
CA LEU B 129 -4.30 27.27 12.05
C LEU B 129 -3.87 26.90 13.47
N VAL B 130 -3.78 27.91 14.34
CA VAL B 130 -3.40 27.71 15.75
C VAL B 130 -4.33 28.51 16.68
N TRP B 131 -4.82 27.85 17.72
CA TRP B 131 -5.60 28.49 18.79
C TRP B 131 -4.74 29.55 19.49
N ARG B 132 -5.23 30.78 19.54
CA ARG B 132 -4.54 31.89 20.19
C ARG B 132 -5.48 32.71 21.06
N PHE B 133 -5.15 32.83 22.34
CA PHE B 133 -5.92 33.66 23.27
C PHE B 133 -5.69 35.13 22.94
N ASP B 134 -6.79 35.89 22.88
CA ASP B 134 -6.76 37.35 22.72
C ASP B 134 -7.85 37.95 23.61
N SER B 135 -7.44 38.59 24.70
CA SER B 135 -8.38 39.18 25.67
C SER B 135 -9.22 40.32 25.11
N LYS B 136 -8.72 40.99 24.07
CA LYS B 136 -9.46 42.03 23.35
C LYS B 136 -10.73 41.50 22.67
N LEU B 137 -10.80 40.20 22.41
CA LEU B 137 -12.03 39.57 21.90
C LEU B 137 -13.22 39.68 22.86
N ALA B 138 -12.96 39.87 24.15
CA ALA B 138 -14.00 40.11 25.15
C ALA B 138 -14.76 41.44 24.95
N PHE B 139 -14.04 42.46 24.47
CA PHE B 139 -14.59 43.82 24.34
C PHE B 139 -14.92 44.23 22.91
N HIS B 140 -14.45 43.49 21.91
CA HIS B 140 -14.73 43.81 20.52
C HIS B 140 -15.14 42.55 19.78
N HIS B 141 -16.39 42.51 19.29
CA HIS B 141 -16.87 41.37 18.51
C HIS B 141 -16.33 41.50 17.09
N MET B 142 -15.09 41.08 16.92
CA MET B 142 -14.37 41.26 15.66
C MET B 142 -15.03 40.52 14.49
N ALA B 143 -15.58 39.33 14.76
CA ALA B 143 -16.37 38.61 13.76
C ALA B 143 -17.56 39.42 13.24
N ARG B 144 -18.20 40.17 14.13
CA ARG B 144 -19.33 41.06 13.79
C ARG B 144 -18.89 42.25 12.93
N GLU B 145 -17.78 42.89 13.31
CA GLU B 145 -17.28 44.09 12.63
C GLU B 145 -16.80 43.80 11.20
N LEU B 146 -16.20 42.62 10.99
CA LEU B 146 -15.71 42.20 9.68
C LEU B 146 -16.80 41.53 8.82
N HIS B 147 -17.72 40.80 9.45
CA HIS B 147 -18.80 40.11 8.75
C HIS B 147 -20.16 40.33 9.43
N PRO B 148 -20.83 41.47 9.15
CA PRO B 148 -22.24 41.64 9.58
C PRO B 148 -23.27 40.71 8.92
N GLU B 149 -22.90 40.00 7.85
CA GLU B 149 -23.81 39.07 7.15
C GLU B 149 -24.38 37.96 8.03
N TYR B 150 -23.61 37.53 9.03
CA TYR B 150 -24.01 36.43 9.93
C TYR B 150 -25.01 36.85 11.02
N TYR B 151 -25.39 38.13 11.06
CA TYR B 151 -26.28 38.68 12.09
C TYR B 151 -27.39 39.50 11.42
N CYS C 3 -6.54 -27.94 -45.68
CA CYS C 3 -5.12 -27.75 -46.11
C CYS C 3 -4.45 -26.60 -45.36
N ALA C 4 -5.02 -25.40 -45.50
CA ALA C 4 -4.45 -24.18 -44.88
C ALA C 4 -4.49 -24.19 -43.34
N TRP C 5 -5.43 -24.93 -42.75
CA TRP C 5 -5.60 -24.98 -41.30
C TRP C 5 -4.76 -26.08 -40.66
N LEU C 6 -4.74 -27.26 -41.28
CA LEU C 6 -3.97 -28.41 -40.78
C LEU C 6 -2.45 -28.17 -40.91
N GLU C 7 -2.02 -27.56 -42.02
CA GLU C 7 -0.62 -27.14 -42.21
C GLU C 7 -0.21 -26.06 -41.19
N ALA C 8 -1.13 -25.17 -40.86
CA ALA C 8 -0.90 -24.12 -39.87
C ALA C 8 -0.72 -24.70 -38.47
N GLN C 9 -1.68 -25.52 -38.02
CA GLN C 9 -1.62 -26.10 -36.67
C GLN C 9 -0.39 -26.98 -36.40
N GLU C 10 0.11 -27.66 -37.44
CA GLU C 10 1.32 -28.48 -37.33
C GLU C 10 2.62 -27.68 -37.47
N GLU C 11 2.54 -26.51 -38.10
CA GLU C 11 3.59 -25.48 -37.99
C GLU C 11 3.57 -24.87 -36.58
N GLU C 12 2.36 -24.58 -36.11
CA GLU C 12 2.13 -24.02 -34.76
C GLU C 12 2.43 -24.97 -33.59
N GLU C 13 2.54 -26.28 -33.85
CA GLU C 13 2.75 -27.28 -32.80
C GLU C 13 4.03 -27.08 -31.97
N VAL C 14 5.01 -26.37 -32.54
CA VAL C 14 6.16 -25.85 -31.77
C VAL C 14 6.40 -24.35 -32.08
N GLY C 15 5.74 -23.44 -31.33
CA GLY C 15 4.79 -23.79 -30.26
C GLY C 15 3.96 -22.59 -29.88
N PHE C 16 3.01 -22.27 -30.75
CA PHE C 16 2.37 -20.95 -30.79
C PHE C 16 1.04 -20.87 -30.01
N PRO C 17 0.83 -19.83 -29.19
CA PRO C 17 1.84 -18.84 -28.78
C PRO C 17 2.79 -19.39 -27.71
N VAL C 18 2.32 -20.41 -27.00
CA VAL C 18 3.05 -21.07 -25.92
C VAL C 18 2.80 -22.58 -26.01
N ARG C 19 3.72 -23.37 -25.47
CA ARG C 19 3.46 -24.77 -25.20
C ARG C 19 2.54 -24.82 -23.98
N PRO C 20 1.73 -25.89 -23.84
CA PRO C 20 0.79 -25.92 -22.72
C PRO C 20 1.47 -26.01 -21.35
N GLN C 21 0.80 -25.47 -20.34
CA GLN C 21 1.35 -25.40 -18.98
C GLN C 21 1.60 -26.79 -18.40
N VAL C 22 0.60 -27.66 -18.52
CA VAL C 22 0.63 -28.99 -17.90
C VAL C 22 1.26 -30.05 -18.81
N PRO C 23 1.61 -31.23 -18.24
CA PRO C 23 2.01 -32.42 -19.00
C PRO C 23 1.11 -32.74 -20.20
N LEU C 24 1.75 -33.09 -21.32
CA LEU C 24 1.08 -33.24 -22.61
C LEU C 24 0.69 -34.72 -22.81
N ARG C 25 -0.61 -35.02 -22.72
CA ARG C 25 -1.10 -36.42 -22.70
C ARG C 25 -2.08 -36.75 -23.84
N PRO C 26 -2.49 -38.04 -23.98
CA PRO C 26 -3.59 -38.40 -24.84
C PRO C 26 -4.93 -38.42 -24.08
N MET C 27 -6.01 -38.10 -24.78
CA MET C 27 -7.35 -38.01 -24.19
C MET C 27 -7.78 -39.41 -23.73
N THR C 28 -8.35 -39.48 -22.53
CA THR C 28 -8.83 -40.74 -21.94
C THR C 28 -10.36 -40.73 -21.78
N TYR C 29 -10.91 -41.87 -21.36
CA TYR C 29 -12.36 -41.99 -21.12
C TYR C 29 -12.83 -41.05 -20.01
N LYS C 30 -12.19 -41.12 -18.84
CA LYS C 30 -12.59 -40.31 -17.68
C LYS C 30 -12.36 -38.82 -17.91
N ALA C 31 -11.28 -38.47 -18.60
CA ALA C 31 -11.02 -37.08 -18.95
C ALA C 31 -12.13 -36.50 -19.84
N ALA C 32 -12.46 -37.23 -20.90
CA ALA C 32 -13.55 -36.87 -21.79
C ALA C 32 -14.89 -36.84 -21.03
N LEU C 33 -15.10 -37.78 -20.11
CA LEU C 33 -16.31 -37.80 -19.29
C LEU C 33 -16.39 -36.56 -18.39
N ASP C 34 -15.30 -36.27 -17.69
CA ASP C 34 -15.25 -35.13 -16.76
C ASP C 34 -15.38 -33.80 -17.49
N ILE C 35 -14.66 -33.64 -18.59
CA ILE C 35 -14.70 -32.39 -19.37
C ILE C 35 -16.10 -32.15 -19.95
N SER C 36 -16.74 -33.22 -20.43
CA SER C 36 -18.12 -33.16 -20.94
C SER C 36 -19.10 -32.61 -19.91
N HIS C 37 -19.12 -33.25 -18.74
CA HIS C 37 -20.04 -32.87 -17.66
C HIS C 37 -19.74 -31.50 -17.07
N PHE C 38 -18.49 -31.06 -17.16
CA PHE C 38 -18.09 -29.70 -16.77
C PHE C 38 -18.67 -28.69 -17.77
N LEU C 39 -18.37 -28.89 -19.06
CA LEU C 39 -18.86 -28.01 -20.13
C LEU C 39 -20.39 -27.87 -20.18
N LYS C 40 -21.12 -28.88 -19.74
CA LYS C 40 -22.57 -28.78 -19.62
C LYS C 40 -22.95 -27.74 -18.57
N GLU C 41 -22.56 -27.98 -17.32
CA GLU C 41 -22.98 -27.12 -16.20
C GLU C 41 -22.27 -25.78 -16.25
N LYS C 42 -20.94 -25.79 -16.12
CA LYS C 42 -20.13 -24.58 -16.03
C LYS C 42 -19.67 -24.10 -17.41
N GLY C 43 -20.62 -23.94 -18.32
CA GLY C 43 -20.29 -23.54 -19.67
C GLY C 43 -21.47 -23.42 -20.63
N GLY C 44 -21.15 -23.31 -21.90
CA GLY C 44 -22.13 -23.16 -22.96
C GLY C 44 -21.62 -23.73 -24.26
N LEU C 45 -21.80 -25.03 -24.40
CA LEU C 45 -21.67 -25.73 -25.69
C LEU C 45 -23.04 -26.17 -26.22
N GLU C 46 -24.08 -26.09 -25.38
CA GLU C 46 -25.42 -26.57 -25.69
C GLU C 46 -26.09 -25.65 -26.72
N GLY C 47 -26.84 -26.25 -27.65
CA GLY C 47 -27.59 -25.50 -28.66
C GLY C 47 -26.76 -24.56 -29.52
N LEU C 48 -25.51 -24.95 -29.79
CA LEU C 48 -24.54 -24.09 -30.44
C LEU C 48 -24.19 -24.67 -31.81
N ILE C 49 -24.31 -23.86 -32.87
CA ILE C 49 -23.96 -24.27 -34.24
C ILE C 49 -22.48 -24.69 -34.29
N TRP C 50 -22.22 -25.84 -34.90
CA TRP C 50 -20.86 -26.32 -35.08
C TRP C 50 -20.18 -25.55 -36.19
N SER C 51 -18.87 -25.33 -36.03
CA SER C 51 -18.01 -24.87 -37.12
C SER C 51 -16.62 -25.46 -36.97
N GLN C 52 -15.87 -25.50 -38.07
CA GLN C 52 -14.48 -25.94 -38.05
C GLN C 52 -13.66 -25.13 -37.05
N ARG C 53 -13.88 -23.81 -37.00
CA ARG C 53 -13.12 -22.92 -36.11
C ARG C 53 -13.59 -23.05 -34.66
N ARG C 54 -14.90 -23.08 -34.43
CA ARG C 54 -15.43 -23.22 -33.05
C ARG C 54 -14.94 -24.50 -32.37
N GLN C 55 -14.82 -25.59 -33.14
CA GLN C 55 -14.22 -26.83 -32.65
C GLN C 55 -12.77 -26.61 -32.25
N GLU C 56 -11.98 -26.00 -33.14
CA GLU C 56 -10.58 -25.68 -32.85
C GLU C 56 -10.41 -24.85 -31.57
N ILE C 57 -11.30 -23.89 -31.33
CA ILE C 57 -11.29 -23.10 -30.08
C ILE C 57 -11.49 -24.03 -28.89
N LEU C 58 -12.48 -24.91 -28.98
CA LEU C 58 -12.77 -25.88 -27.90
C LEU C 58 -11.60 -26.83 -27.69
N ASP C 59 -11.10 -27.39 -28.79
CA ASP C 59 -9.95 -28.30 -28.75
C ASP C 59 -8.75 -27.66 -28.07
N LEU C 60 -8.42 -26.45 -28.50
CA LEU C 60 -7.26 -25.73 -27.97
C LEU C 60 -7.45 -25.26 -26.52
N TRP C 61 -8.66 -24.91 -26.13
CA TRP C 61 -8.94 -24.58 -24.73
C TRP C 61 -8.63 -25.77 -23.81
N ILE C 62 -9.08 -26.95 -24.22
CA ILE C 62 -8.78 -28.21 -23.52
C ILE C 62 -7.29 -28.54 -23.56
N TYR C 63 -6.67 -28.33 -24.73
CA TYR C 63 -5.26 -28.64 -24.94
C TYR C 63 -4.35 -27.81 -24.04
N HIS C 64 -4.68 -26.54 -23.86
CA HIS C 64 -3.87 -25.66 -23.01
C HIS C 64 -4.16 -25.84 -21.52
N THR C 65 -5.43 -25.88 -21.13
CA THR C 65 -5.80 -26.02 -19.71
C THR C 65 -5.50 -27.41 -19.15
N GLN C 66 -5.83 -28.45 -19.91
CA GLN C 66 -5.73 -29.84 -19.46
C GLN C 66 -4.65 -30.69 -20.17
N GLY C 67 -3.99 -30.13 -21.18
CA GLY C 67 -2.86 -30.83 -21.82
C GLY C 67 -3.17 -32.01 -22.75
N TYR C 68 -4.42 -32.19 -23.15
CA TYR C 68 -4.77 -33.32 -24.02
C TYR C 68 -4.55 -32.95 -25.48
N PHE C 69 -3.62 -33.63 -26.15
CA PHE C 69 -3.28 -33.30 -27.54
C PHE C 69 -4.56 -33.31 -28.36
N PRO C 70 -4.83 -32.24 -29.13
CA PRO C 70 -6.12 -32.14 -29.82
C PRO C 70 -6.18 -32.94 -31.14
N ASP C 71 -6.20 -34.27 -31.01
CA ASP C 71 -6.44 -35.20 -32.13
C ASP C 71 -7.58 -36.17 -31.77
N TRP C 72 -8.42 -35.77 -30.82
CA TRP C 72 -9.38 -36.66 -30.15
C TRP C 72 -10.83 -36.40 -30.51
N GLN C 73 -11.21 -35.12 -30.66
CA GLN C 73 -12.59 -34.72 -30.92
C GLN C 73 -12.87 -34.73 -32.42
N ASN C 74 -13.24 -35.90 -32.92
CA ASN C 74 -13.78 -36.04 -34.27
C ASN C 74 -14.85 -37.11 -34.27
N TYR C 75 -15.83 -36.96 -35.17
CA TYR C 75 -17.08 -37.70 -35.11
C TYR C 75 -17.25 -38.65 -36.30
N THR C 76 -18.33 -39.43 -36.27
CA THR C 76 -18.72 -40.30 -37.40
C THR C 76 -19.10 -39.47 -38.62
N PRO C 77 -19.10 -40.08 -39.82
CA PRO C 77 -19.49 -39.29 -41.00
C PRO C 77 -20.98 -39.00 -41.04
N GLY C 78 -21.36 -38.05 -41.89
CA GLY C 78 -22.75 -37.78 -42.20
C GLY C 78 -23.27 -38.78 -43.22
N PRO C 79 -24.54 -38.68 -43.62
CA PRO C 79 -25.48 -37.69 -43.11
C PRO C 79 -26.10 -38.14 -41.79
N GLY C 80 -26.86 -37.23 -41.16
CA GLY C 80 -27.55 -37.51 -39.90
C GLY C 80 -26.74 -37.12 -38.68
N ILE C 81 -27.13 -37.64 -37.52
CA ILE C 81 -26.46 -37.34 -36.25
C ILE C 81 -25.01 -37.83 -36.29
N ARG C 82 -24.10 -36.96 -35.85
CA ARG C 82 -22.66 -37.24 -35.82
C ARG C 82 -22.27 -37.68 -34.41
N TYR C 83 -21.85 -38.94 -34.29
CA TYR C 83 -21.51 -39.55 -33.00
C TYR C 83 -20.00 -39.52 -32.76
N PRO C 84 -19.58 -39.32 -31.49
CA PRO C 84 -18.16 -39.19 -31.18
C PRO C 84 -17.43 -40.53 -31.16
N LEU C 85 -16.27 -40.57 -31.79
CA LEU C 85 -15.44 -41.78 -31.85
C LEU C 85 -14.76 -42.02 -30.51
N THR C 86 -14.37 -40.92 -29.84
CA THR C 86 -13.71 -40.98 -28.53
C THR C 86 -14.72 -41.25 -27.40
N PHE C 87 -14.73 -42.49 -26.91
CA PHE C 87 -15.67 -42.90 -25.85
C PHE C 87 -15.35 -42.13 -24.57
N GLY C 88 -16.38 -41.59 -23.95
CA GLY C 88 -16.25 -40.71 -22.79
C GLY C 88 -16.80 -39.33 -23.07
N TRP C 89 -16.49 -38.80 -24.27
CA TRP C 89 -17.03 -37.53 -24.73
C TRP C 89 -18.54 -37.64 -24.93
N CYS C 90 -19.31 -36.82 -24.22
CA CYS C 90 -20.79 -36.95 -24.19
C CYS C 90 -21.55 -35.96 -25.07
N PHE C 91 -20.86 -35.33 -26.03
CA PHE C 91 -21.52 -34.43 -26.97
C PHE C 91 -21.63 -35.09 -28.35
N LYS C 92 -22.72 -34.77 -29.05
CA LYS C 92 -22.97 -35.23 -30.41
C LYS C 92 -23.49 -34.07 -31.26
N LEU C 93 -23.30 -34.16 -32.57
CA LEU C 93 -23.70 -33.10 -33.50
C LEU C 93 -24.98 -33.51 -34.23
N VAL C 94 -26.12 -32.98 -33.78
CA VAL C 94 -27.42 -33.28 -34.42
C VAL C 94 -27.72 -32.23 -35.50
N PRO C 95 -28.34 -32.63 -36.62
CA PRO C 95 -28.80 -31.61 -37.58
C PRO C 95 -30.03 -30.84 -37.08
N VAL C 96 -30.35 -29.74 -37.76
CA VAL C 96 -31.51 -28.92 -37.42
C VAL C 96 -32.20 -28.41 -38.69
N GLU C 97 -33.53 -28.52 -38.73
CA GLU C 97 -34.33 -27.94 -39.82
C GLU C 97 -35.81 -27.84 -39.41
N GLU C 125 -23.83 -33.32 -49.80
CA GLU C 125 -24.85 -32.80 -48.89
C GLU C 125 -24.27 -32.42 -47.51
N LYS C 126 -23.97 -31.14 -47.33
CA LYS C 126 -23.58 -30.58 -46.03
C LYS C 126 -24.82 -30.01 -45.34
N GLU C 127 -24.85 -30.14 -44.01
CA GLU C 127 -26.01 -29.76 -43.20
C GLU C 127 -25.60 -29.02 -41.92
N VAL C 128 -26.51 -28.23 -41.38
CA VAL C 128 -26.25 -27.38 -40.20
C VAL C 128 -26.29 -28.23 -38.93
N LEU C 129 -25.15 -28.33 -38.25
CA LEU C 129 -24.97 -29.21 -37.07
C LEU C 129 -24.97 -28.43 -35.75
N VAL C 130 -25.43 -29.07 -34.68
CA VAL C 130 -25.51 -28.46 -33.35
C VAL C 130 -24.98 -29.40 -32.26
N TRP C 131 -24.10 -28.88 -31.40
CA TRP C 131 -23.59 -29.62 -30.24
C TRP C 131 -24.71 -29.94 -29.26
N ARG C 132 -24.91 -31.23 -28.96
CA ARG C 132 -25.94 -31.68 -28.03
C ARG C 132 -25.39 -32.71 -27.05
N PHE C 133 -25.53 -32.44 -25.75
CA PHE C 133 -25.15 -33.38 -24.71
C PHE C 133 -26.12 -34.57 -24.70
N ASP C 134 -25.61 -35.73 -24.30
CA ASP C 134 -26.41 -36.96 -24.26
C ASP C 134 -25.86 -37.91 -23.20
N SER C 135 -26.67 -38.16 -22.17
CA SER C 135 -26.31 -39.05 -21.06
C SER C 135 -25.91 -40.45 -21.51
N LYS C 136 -26.66 -41.01 -22.47
CA LYS C 136 -26.40 -42.34 -23.02
C LYS C 136 -24.97 -42.55 -23.54
N LEU C 137 -24.38 -41.53 -24.15
CA LEU C 137 -23.02 -41.61 -24.71
C LEU C 137 -21.89 -41.76 -23.67
N ALA C 138 -22.19 -41.45 -22.41
CA ALA C 138 -21.27 -41.69 -21.30
C ALA C 138 -21.03 -43.19 -21.03
N PHE C 139 -22.05 -44.02 -21.27
CA PHE C 139 -21.96 -45.45 -21.01
C PHE C 139 -22.55 -46.36 -22.12
N HIS C 140 -22.60 -45.85 -23.35
CA HIS C 140 -22.84 -46.65 -24.55
C HIS C 140 -22.00 -46.05 -25.66
N HIS C 141 -21.04 -46.81 -26.19
CA HIS C 141 -20.11 -46.26 -27.18
C HIS C 141 -20.74 -46.48 -28.56
N MET C 142 -21.67 -45.58 -28.89
CA MET C 142 -22.48 -45.69 -30.10
C MET C 142 -21.66 -45.69 -31.39
N ALA C 143 -20.58 -44.92 -31.44
CA ALA C 143 -19.67 -44.90 -32.59
C ALA C 143 -18.95 -46.24 -32.81
N ARG C 144 -18.69 -46.97 -31.73
CA ARG C 144 -18.10 -48.32 -31.80
C ARG C 144 -19.04 -49.29 -32.51
N GLU C 145 -20.31 -49.21 -32.14
CA GLU C 145 -21.33 -50.11 -32.64
C GLU C 145 -21.77 -49.69 -34.06
N LEU C 146 -21.79 -48.39 -34.35
CA LEU C 146 -22.12 -47.87 -35.70
C LEU C 146 -21.01 -48.17 -36.71
N HIS C 147 -19.79 -47.80 -36.37
CA HIS C 147 -18.64 -47.96 -37.27
C HIS C 147 -17.55 -48.83 -36.64
N PRO C 148 -17.71 -50.17 -36.72
CA PRO C 148 -16.65 -51.11 -36.36
C PRO C 148 -15.31 -50.85 -37.05
N GLU C 149 -15.35 -50.51 -38.34
CA GLU C 149 -14.13 -50.31 -39.15
C GLU C 149 -13.17 -49.20 -38.67
N TYR C 150 -13.64 -48.28 -37.82
CA TYR C 150 -12.75 -47.30 -37.16
C TYR C 150 -12.02 -47.86 -35.93
N TYR C 151 -12.09 -49.17 -35.70
CA TYR C 151 -11.40 -49.82 -34.56
C TYR C 151 -10.88 -51.18 -35.00
N CYS D 3 6.22 0.98 11.17
CA CYS D 3 5.90 1.77 12.40
C CYS D 3 7.16 2.27 13.12
N ALA D 4 8.01 1.33 13.51
CA ALA D 4 9.26 1.64 14.24
C ALA D 4 10.23 2.52 13.45
N TRP D 5 10.24 2.35 12.12
CA TRP D 5 11.11 3.14 11.23
C TRP D 5 10.46 4.45 10.75
N LEU D 6 9.14 4.43 10.52
CA LEU D 6 8.41 5.60 10.00
C LEU D 6 8.19 6.68 11.06
N GLU D 7 7.57 6.30 12.17
CA GLU D 7 7.27 7.24 13.27
C GLU D 7 8.55 7.82 13.91
N ALA D 8 9.65 7.08 13.85
CA ALA D 8 10.95 7.57 14.26
C ALA D 8 11.46 8.68 13.33
N GLN D 9 11.44 8.42 12.02
CA GLN D 9 11.99 9.39 11.03
C GLN D 9 11.20 10.71 10.96
N GLU D 10 9.91 10.66 11.29
CA GLU D 10 9.10 11.88 11.45
C GLU D 10 9.60 12.68 12.65
N GLU D 11 9.83 11.98 13.76
CA GLU D 11 10.33 12.57 15.00
C GLU D 11 11.78 13.07 14.85
N GLU D 12 12.57 12.39 14.01
CA GLU D 12 13.91 12.85 13.60
C GLU D 12 13.92 14.17 12.81
N GLU D 13 12.85 14.44 12.06
CA GLU D 13 12.72 15.67 11.27
C GLU D 13 12.71 16.95 12.13
N VAL D 14 12.47 16.81 13.43
CA VAL D 14 12.69 17.88 14.40
C VAL D 14 14.15 17.81 14.96
N GLY D 15 15.12 18.15 14.11
CA GLY D 15 16.53 18.32 14.49
C GLY D 15 17.55 17.43 13.80
N PHE D 16 17.25 16.12 13.72
CA PHE D 16 18.29 15.06 13.74
C PHE D 16 19.20 14.91 12.51
N PRO D 17 20.52 14.73 12.73
CA PRO D 17 21.34 15.13 13.88
C PRO D 17 21.74 16.61 13.74
N VAL D 18 21.90 17.03 12.49
CA VAL D 18 21.87 18.44 12.09
C VAL D 18 20.90 18.54 10.92
N ARG D 19 20.31 19.73 10.75
CA ARG D 19 19.52 20.03 9.57
C ARG D 19 20.46 20.22 8.37
N PRO D 20 20.00 19.88 7.15
CA PRO D 20 20.88 19.97 5.97
C PRO D 20 21.51 21.35 5.75
N GLN D 21 22.73 21.36 5.24
CA GLN D 21 23.55 22.57 5.16
C GLN D 21 23.20 23.52 4.01
N VAL D 22 22.32 23.09 3.09
CA VAL D 22 21.89 23.92 1.96
C VAL D 22 20.37 24.09 1.95
N PRO D 23 19.84 25.05 1.16
CA PRO D 23 18.38 25.23 1.03
C PRO D 23 17.59 23.96 0.74
N LEU D 24 16.40 23.88 1.30
CA LEU D 24 15.61 22.65 1.36
C LEU D 24 14.59 22.65 0.22
N ARG D 25 14.85 21.86 -0.84
CA ARG D 25 14.07 21.92 -2.10
C ARG D 25 13.37 20.59 -2.44
N PRO D 26 12.51 20.58 -3.47
CA PRO D 26 11.94 19.34 -3.99
C PRO D 26 12.78 18.80 -5.16
N MET D 27 12.81 17.46 -5.29
CA MET D 27 13.61 16.80 -6.32
C MET D 27 13.08 17.16 -7.69
N THR D 28 13.99 17.37 -8.64
CA THR D 28 13.63 17.83 -9.99
C THR D 28 14.21 16.88 -11.04
N TYR D 29 13.82 17.09 -12.29
CA TYR D 29 14.32 16.25 -13.40
C TYR D 29 15.84 16.31 -13.49
N LYS D 30 16.38 17.52 -13.66
CA LYS D 30 17.82 17.70 -13.87
C LYS D 30 18.64 17.35 -12.63
N ALA D 31 18.07 17.57 -11.44
CA ALA D 31 18.73 17.15 -10.19
C ALA D 31 18.92 15.64 -10.16
N ALA D 32 17.82 14.93 -10.41
CA ALA D 32 17.83 13.46 -10.49
C ALA D 32 18.67 12.95 -11.65
N LEU D 33 18.68 13.68 -12.76
CA LEU D 33 19.52 13.35 -13.91
C LEU D 33 21.00 13.52 -13.56
N ASP D 34 21.36 14.65 -12.95
CA ASP D 34 22.74 14.94 -12.56
C ASP D 34 23.27 14.03 -11.45
N ILE D 35 22.44 13.77 -10.43
CA ILE D 35 22.84 12.89 -9.33
C ILE D 35 23.05 11.45 -9.81
N SER D 36 22.20 10.99 -10.74
CA SER D 36 22.34 9.67 -11.35
C SER D 36 23.68 9.47 -12.05
N HIS D 37 23.97 10.35 -13.02
CA HIS D 37 25.23 10.30 -13.77
C HIS D 37 26.48 10.45 -12.88
N PHE D 38 26.34 11.16 -11.76
CA PHE D 38 27.40 11.27 -10.76
C PHE D 38 27.64 9.93 -10.08
N LEU D 39 26.58 9.38 -9.48
CA LEU D 39 26.67 8.08 -8.79
C LEU D 39 27.13 6.93 -9.69
N LYS D 40 26.85 7.03 -10.99
CA LYS D 40 27.38 6.08 -11.97
C LYS D 40 28.91 6.10 -11.99
N GLU D 41 29.49 7.25 -12.31
CA GLU D 41 30.94 7.38 -12.44
C GLU D 41 31.65 7.36 -11.09
N LYS D 42 31.29 8.30 -10.21
CA LYS D 42 32.00 8.55 -8.94
C LYS D 42 31.35 7.84 -7.75
N GLY D 43 30.86 6.62 -7.94
CA GLY D 43 30.09 5.93 -6.92
C GLY D 43 29.99 4.43 -7.05
N GLY D 44 29.32 3.82 -6.08
CA GLY D 44 29.13 2.39 -6.01
C GLY D 44 27.69 2.09 -5.65
N LEU D 45 26.78 2.54 -6.48
CA LEU D 45 25.39 2.09 -6.43
C LEU D 45 25.18 0.93 -7.41
N GLU D 46 25.79 1.04 -8.59
CA GLU D 46 25.73 0.02 -9.64
C GLU D 46 26.04 -1.38 -9.08
N GLY D 47 25.04 -2.26 -9.12
CA GLY D 47 25.22 -3.66 -8.71
C GLY D 47 24.79 -3.99 -7.29
N LEU D 48 24.73 -3.01 -6.38
CA LEU D 48 24.38 -3.29 -4.98
C LEU D 48 22.97 -3.85 -4.82
N ILE D 49 22.80 -4.66 -3.78
CA ILE D 49 21.52 -5.34 -3.52
C ILE D 49 20.67 -4.37 -2.71
N TRP D 50 19.42 -4.19 -3.14
CA TRP D 50 18.53 -3.23 -2.51
C TRP D 50 18.14 -3.68 -1.10
N SER D 51 18.25 -2.76 -0.16
CA SER D 51 17.67 -2.94 1.17
C SER D 51 16.91 -1.67 1.55
N GLN D 52 15.95 -1.82 2.45
CA GLN D 52 15.21 -0.69 3.00
C GLN D 52 16.17 0.35 3.57
N ARG D 53 17.18 -0.12 4.31
CA ARG D 53 18.16 0.77 4.95
C ARG D 53 19.05 1.43 3.90
N ARG D 54 19.57 0.65 2.94
CA ARG D 54 20.44 1.22 1.90
C ARG D 54 19.76 2.32 1.08
N GLN D 55 18.44 2.26 0.93
CA GLN D 55 17.72 3.37 0.31
C GLN D 55 17.81 4.61 1.21
N GLU D 56 17.57 4.42 2.50
CA GLU D 56 17.62 5.53 3.47
C GLU D 56 18.98 6.22 3.51
N ILE D 57 20.07 5.44 3.57
CA ILE D 57 21.44 5.99 3.56
C ILE D 57 21.63 6.89 2.33
N LEU D 58 21.26 6.37 1.16
CA LEU D 58 21.34 7.14 -0.09
C LEU D 58 20.43 8.37 -0.08
N ASP D 59 19.18 8.17 0.35
CA ASP D 59 18.21 9.26 0.50
C ASP D 59 18.79 10.40 1.36
N LEU D 60 19.32 10.02 2.52
CA LEU D 60 19.86 10.99 3.48
C LEU D 60 21.18 11.61 3.00
N TRP D 61 22.01 10.85 2.30
CA TRP D 61 23.23 11.42 1.70
C TRP D 61 22.89 12.49 0.65
N ILE D 62 21.84 12.27 -0.13
CA ILE D 62 21.34 13.28 -1.09
C ILE D 62 20.68 14.46 -0.35
N TYR D 63 19.90 14.16 0.68
CA TYR D 63 19.19 15.17 1.49
C TYR D 63 20.12 16.17 2.15
N HIS D 64 21.17 15.65 2.77
CA HIS D 64 22.15 16.49 3.48
C HIS D 64 23.11 17.21 2.53
N THR D 65 23.57 16.53 1.48
CA THR D 65 24.48 17.13 0.51
C THR D 65 23.79 18.20 -0.34
N GLN D 66 22.61 17.87 -0.86
CA GLN D 66 21.94 18.73 -1.85
C GLN D 66 20.47 19.10 -1.50
N GLY D 67 20.09 18.99 -0.23
CA GLY D 67 18.83 19.57 0.25
C GLY D 67 17.50 19.03 -0.28
N TYR D 68 17.51 17.93 -1.03
CA TYR D 68 16.28 17.39 -1.62
C TYR D 68 15.56 16.47 -0.65
N PHE D 69 14.36 16.87 -0.19
CA PHE D 69 13.65 16.12 0.86
C PHE D 69 13.45 14.67 0.42
N PRO D 70 13.75 13.70 1.31
CA PRO D 70 13.69 12.29 0.89
C PRO D 70 12.24 11.76 0.80
N ASP D 71 11.55 12.17 -0.27
CA ASP D 71 10.23 11.64 -0.62
C ASP D 71 10.13 11.34 -2.13
N TRP D 72 11.26 11.27 -2.81
CA TRP D 72 11.31 11.25 -4.28
C TRP D 72 11.66 9.87 -4.87
N GLN D 73 12.57 9.14 -4.22
CA GLN D 73 13.06 7.86 -4.73
C GLN D 73 12.06 6.76 -4.39
N ASN D 74 10.98 6.70 -5.18
CA ASN D 74 9.99 5.65 -5.09
C ASN D 74 9.96 4.93 -6.43
N TYR D 75 9.59 3.66 -6.39
CA TYR D 75 9.57 2.82 -7.59
C TYR D 75 8.18 2.21 -7.84
N THR D 76 7.98 1.71 -9.05
CA THR D 76 6.73 1.02 -9.40
C THR D 76 6.67 -0.31 -8.64
N PRO D 77 5.45 -0.82 -8.35
CA PRO D 77 5.33 -2.07 -7.60
C PRO D 77 5.78 -3.30 -8.38
N GLY D 78 5.86 -4.43 -7.70
CA GLY D 78 6.33 -5.68 -8.30
C GLY D 78 5.18 -6.56 -8.77
N PRO D 79 5.46 -7.78 -9.20
CA PRO D 79 6.83 -8.30 -9.40
C PRO D 79 7.45 -7.84 -10.71
N GLY D 80 8.76 -8.09 -10.86
CA GLY D 80 9.51 -7.68 -12.06
C GLY D 80 10.42 -6.50 -11.79
N ILE D 81 10.90 -5.88 -12.87
CA ILE D 81 11.75 -4.69 -12.76
C ILE D 81 10.94 -3.54 -12.15
N ARG D 82 11.49 -2.97 -11.07
CA ARG D 82 10.89 -1.81 -10.41
C ARG D 82 11.44 -0.55 -11.07
N TYR D 83 10.58 0.20 -11.74
CA TYR D 83 10.96 1.42 -12.47
C TYR D 83 10.76 2.66 -11.58
N PRO D 84 11.63 3.69 -11.74
CA PRO D 84 11.54 4.88 -10.91
C PRO D 84 10.39 5.80 -11.31
N LEU D 85 9.65 6.28 -10.32
CA LEU D 85 8.54 7.20 -10.56
C LEU D 85 9.04 8.61 -10.89
N THR D 86 10.09 9.05 -10.20
CA THR D 86 10.62 10.40 -10.37
C THR D 86 11.47 10.47 -11.65
N PHE D 87 10.90 11.09 -12.68
CA PHE D 87 11.55 11.15 -14.00
C PHE D 87 12.82 11.99 -13.91
N GLY D 88 13.93 11.42 -14.39
CA GLY D 88 15.26 12.02 -14.27
C GLY D 88 16.22 11.09 -13.59
N TRP D 89 15.73 10.39 -12.56
CA TRP D 89 16.48 9.34 -11.87
C TRP D 89 16.65 8.16 -12.83
N CYS D 90 17.90 7.77 -13.08
CA CYS D 90 18.22 6.75 -14.09
C CYS D 90 18.55 5.36 -13.51
N PHE D 91 18.21 5.13 -12.25
CA PHE D 91 18.40 3.82 -11.63
C PHE D 91 17.06 3.12 -11.47
N LYS D 92 17.08 1.81 -11.66
CA LYS D 92 15.91 0.94 -11.51
C LYS D 92 16.31 -0.28 -10.68
N LEU D 93 15.35 -0.89 -10.02
CA LEU D 93 15.60 -2.12 -9.26
C LEU D 93 15.19 -3.31 -10.12
N VAL D 94 16.15 -4.19 -10.41
CA VAL D 94 15.94 -5.34 -11.30
C VAL D 94 16.18 -6.63 -10.49
N PRO D 95 15.23 -7.59 -10.56
CA PRO D 95 15.46 -8.88 -9.88
C PRO D 95 16.63 -9.67 -10.47
N VAL D 96 17.16 -10.58 -9.65
CA VAL D 96 18.24 -11.46 -10.09
C VAL D 96 18.06 -12.84 -9.45
N GLU D 97 18.29 -13.90 -10.23
CA GLU D 97 18.18 -15.28 -9.73
C GLU D 97 18.92 -16.26 -10.66
N GLU D 125 5.35 -9.05 -3.15
CA GLU D 125 6.15 -10.26 -3.11
C GLU D 125 7.64 -9.94 -2.94
N LYS D 126 8.30 -10.64 -2.03
CA LYS D 126 9.73 -10.43 -1.77
C LYS D 126 10.60 -11.16 -2.81
N GLU D 127 11.55 -10.40 -3.37
CA GLU D 127 12.28 -10.76 -4.58
C GLU D 127 13.61 -10.00 -4.53
N VAL D 128 14.74 -10.68 -4.75
CA VAL D 128 16.08 -10.07 -4.53
C VAL D 128 16.43 -9.05 -5.61
N LEU D 129 16.48 -7.77 -5.22
CA LEU D 129 16.58 -6.64 -6.17
C LEU D 129 17.97 -5.99 -6.21
N VAL D 130 18.34 -5.46 -7.38
CA VAL D 130 19.65 -4.84 -7.61
C VAL D 130 19.52 -3.49 -8.33
N TRP D 131 20.24 -2.48 -7.84
CA TRP D 131 20.33 -1.18 -8.51
C TRP D 131 21.09 -1.32 -9.83
N ARG D 132 20.47 -0.94 -10.93
CA ARG D 132 21.12 -0.92 -12.24
C ARG D 132 20.82 0.38 -12.97
N PHE D 133 21.86 1.00 -13.49
CA PHE D 133 21.75 2.20 -14.31
C PHE D 133 21.16 1.82 -15.68
N ASP D 134 20.42 2.75 -16.27
CA ASP D 134 19.80 2.57 -17.58
C ASP D 134 19.58 3.94 -18.23
N SER D 135 20.46 4.29 -19.15
CA SER D 135 20.47 5.63 -19.77
C SER D 135 19.18 5.96 -20.55
N LYS D 136 18.45 4.94 -20.99
CA LYS D 136 17.08 5.11 -21.55
C LYS D 136 16.13 5.85 -20.61
N LEU D 137 16.26 5.61 -19.31
CA LEU D 137 15.38 6.21 -18.29
C LEU D 137 15.57 7.72 -18.09
N ALA D 138 16.68 8.26 -18.61
CA ALA D 138 16.88 9.71 -18.69
C ALA D 138 15.87 10.38 -19.60
N PHE D 139 15.55 9.72 -20.72
CA PHE D 139 14.68 10.32 -21.76
C PHE D 139 13.49 9.45 -22.19
N HIS D 140 13.11 8.46 -21.36
CA HIS D 140 11.84 7.74 -21.49
C HIS D 140 11.28 7.48 -20.10
N HIS D 141 10.13 8.08 -19.78
CA HIS D 141 9.55 7.96 -18.45
C HIS D 141 8.65 6.73 -18.39
N MET D 142 9.30 5.57 -18.29
CA MET D 142 8.65 4.25 -18.24
C MET D 142 7.51 4.16 -17.22
N ALA D 143 7.76 4.68 -16.01
CA ALA D 143 6.75 4.65 -14.94
C ALA D 143 5.46 5.41 -15.28
N ARG D 144 5.60 6.50 -16.05
CA ARG D 144 4.46 7.30 -16.53
C ARG D 144 3.57 6.45 -17.43
N GLU D 145 4.21 5.68 -18.31
CA GLU D 145 3.54 4.88 -19.30
C GLU D 145 3.02 3.58 -18.68
N LEU D 146 3.78 2.99 -17.75
CA LEU D 146 3.39 1.74 -17.08
C LEU D 146 2.26 1.94 -16.08
N HIS D 147 2.34 3.00 -15.28
CA HIS D 147 1.34 3.29 -14.24
C HIS D 147 0.87 4.74 -14.32
N PRO D 148 -0.04 5.05 -15.28
CA PRO D 148 -0.61 6.39 -15.35
C PRO D 148 -1.48 6.77 -14.13
N GLU D 149 -1.96 5.77 -13.39
CA GLU D 149 -2.69 5.99 -12.12
C GLU D 149 -1.95 6.95 -11.18
N TYR D 150 -0.62 6.85 -11.16
CA TYR D 150 0.22 7.70 -10.30
C TYR D 150 0.41 9.15 -10.80
N TYR D 151 -0.23 9.52 -11.92
CA TYR D 151 -0.08 10.86 -12.51
C TYR D 151 -1.41 11.28 -13.13
N CYS E 3 -17.12 -11.93 -41.75
CA CYS E 3 -18.56 -11.78 -41.38
C CYS E 3 -18.99 -12.85 -40.39
N ALA E 4 -18.91 -14.12 -40.83
CA ALA E 4 -19.25 -15.27 -39.98
C ALA E 4 -18.28 -15.47 -38.80
N TRP E 5 -17.07 -14.93 -38.93
CA TRP E 5 -16.07 -14.97 -37.87
C TRP E 5 -16.44 -14.01 -36.75
N LEU E 6 -16.74 -12.76 -37.14
CA LEU E 6 -17.13 -11.71 -36.19
C LEU E 6 -18.53 -11.96 -35.61
N GLU E 7 -19.45 -12.46 -36.44
CA GLU E 7 -20.80 -12.85 -35.99
C GLU E 7 -20.79 -13.98 -34.96
N ALA E 8 -19.97 -14.99 -35.20
CA ALA E 8 -19.87 -16.14 -34.30
C ALA E 8 -19.32 -15.73 -32.93
N GLN E 9 -18.27 -14.90 -32.89
CA GLN E 9 -17.67 -14.45 -31.63
C GLN E 9 -18.65 -13.67 -30.74
N GLU E 10 -19.55 -12.90 -31.38
CA GLU E 10 -20.60 -12.18 -30.65
C GLU E 10 -21.60 -13.14 -30.00
N GLU E 11 -22.04 -14.16 -30.74
CA GLU E 11 -22.90 -15.21 -30.17
C GLU E 11 -22.17 -16.03 -29.11
N GLU E 12 -20.90 -16.34 -29.38
CA GLU E 12 -20.01 -17.03 -28.43
C GLU E 12 -19.86 -16.34 -27.08
N GLU E 13 -20.05 -15.02 -27.04
CA GLU E 13 -19.89 -14.23 -25.80
C GLU E 13 -20.93 -14.52 -24.69
N VAL E 14 -21.78 -15.54 -24.90
CA VAL E 14 -22.58 -16.15 -23.81
C VAL E 14 -22.67 -17.70 -23.95
N GLY E 15 -21.70 -18.47 -23.46
CA GLY E 15 -20.38 -18.01 -22.97
C GLY E 15 -19.36 -19.14 -23.20
N PHE E 16 -18.60 -19.03 -24.30
CA PHE E 16 -17.95 -20.16 -24.96
C PHE E 16 -16.41 -20.10 -24.94
N PRO E 17 -15.71 -21.21 -24.66
CA PRO E 17 -16.28 -22.48 -24.17
C PRO E 17 -16.68 -22.38 -22.70
N VAL E 18 -15.83 -21.72 -21.93
CA VAL E 18 -16.17 -21.23 -20.60
C VAL E 18 -15.80 -19.75 -20.62
N ARG E 19 -16.47 -18.94 -19.79
CA ARG E 19 -16.01 -17.57 -19.57
C ARG E 19 -14.72 -17.61 -18.74
N PRO E 20 -13.81 -16.64 -18.93
CA PRO E 20 -12.52 -16.69 -18.23
C PRO E 20 -12.62 -16.66 -16.70
N GLN E 21 -11.68 -17.33 -16.04
CA GLN E 21 -11.65 -17.47 -14.58
C GLN E 21 -11.31 -16.12 -13.93
N VAL E 22 -10.27 -15.48 -14.44
CA VAL E 22 -9.87 -14.14 -13.99
C VAL E 22 -10.92 -13.08 -14.39
N PRO E 23 -11.00 -11.95 -13.64
CA PRO E 23 -11.96 -10.88 -13.99
C PRO E 23 -11.60 -10.17 -15.31
N LEU E 24 -12.64 -9.78 -16.06
CA LEU E 24 -12.45 -9.13 -17.36
C LEU E 24 -12.04 -7.67 -17.19
N ARG E 25 -11.12 -7.20 -18.03
CA ARG E 25 -10.53 -5.85 -17.88
C ARG E 25 -9.83 -5.37 -19.17
N PRO E 26 -9.76 -4.04 -19.39
CA PRO E 26 -9.20 -3.51 -20.65
C PRO E 26 -7.68 -3.58 -20.72
N MET E 27 -7.17 -3.64 -21.95
CA MET E 27 -5.74 -3.78 -22.23
C MET E 27 -4.99 -2.50 -21.85
N THR E 28 -3.75 -2.68 -21.40
CA THR E 28 -2.91 -1.59 -20.89
C THR E 28 -1.48 -1.74 -21.38
N TYR E 29 -0.72 -0.65 -21.35
CA TYR E 29 0.69 -0.61 -21.74
C TYR E 29 1.48 -1.72 -21.04
N LYS E 30 1.32 -1.80 -19.72
CA LYS E 30 2.06 -2.76 -18.89
C LYS E 30 1.82 -4.19 -19.39
N ALA E 31 0.55 -4.53 -19.58
CA ALA E 31 0.15 -5.85 -20.07
C ALA E 31 0.78 -6.17 -21.43
N ALA E 32 0.58 -5.27 -22.38
CA ALA E 32 1.16 -5.40 -23.72
C ALA E 32 2.68 -5.60 -23.70
N LEU E 33 3.36 -4.85 -22.83
CA LEU E 33 4.81 -4.93 -22.68
C LEU E 33 5.23 -6.27 -22.06
N ASP E 34 4.55 -6.66 -20.98
CA ASP E 34 4.86 -7.92 -20.28
C ASP E 34 4.58 -9.13 -21.17
N ILE E 35 3.43 -9.12 -21.85
CA ILE E 35 3.01 -10.25 -22.70
C ILE E 35 3.87 -10.39 -23.96
N SER E 36 4.19 -9.29 -24.62
CA SER E 36 5.03 -9.35 -25.83
C SER E 36 6.46 -9.82 -25.53
N HIS E 37 6.99 -9.43 -24.38
CA HIS E 37 8.31 -9.90 -23.93
C HIS E 37 8.26 -11.35 -23.44
N PHE E 38 7.15 -11.73 -22.80
CA PHE E 38 6.90 -13.12 -22.39
C PHE E 38 6.73 -14.07 -23.58
N LEU E 39 6.03 -13.62 -24.62
CA LEU E 39 5.85 -14.39 -25.85
C LEU E 39 7.13 -14.53 -26.68
N LYS E 40 8.02 -13.55 -26.63
CA LYS E 40 9.29 -13.64 -27.36
C LYS E 40 10.26 -14.58 -26.66
N GLU E 41 10.33 -14.54 -25.34
CA GLU E 41 11.23 -15.39 -24.56
C GLU E 41 10.77 -16.86 -24.54
N LYS E 42 9.76 -17.17 -23.73
CA LYS E 42 9.19 -18.52 -23.69
C LYS E 42 7.96 -18.59 -24.57
N GLY E 43 8.18 -18.57 -25.88
CA GLY E 43 7.08 -18.65 -26.84
C GLY E 43 7.52 -18.66 -28.30
N GLY E 44 6.55 -18.80 -29.19
CA GLY E 44 6.80 -19.00 -30.62
C GLY E 44 5.88 -18.19 -31.52
N LEU E 45 5.79 -16.89 -31.23
CA LEU E 45 5.13 -15.94 -32.12
C LEU E 45 6.14 -15.35 -33.11
N GLU E 46 7.39 -15.22 -32.67
CA GLU E 46 8.48 -14.64 -33.45
C GLU E 46 8.70 -15.35 -34.80
N GLY E 47 8.41 -14.65 -35.89
CA GLY E 47 8.65 -15.15 -37.24
C GLY E 47 7.48 -15.85 -37.91
N LEU E 48 6.33 -15.96 -37.23
CA LEU E 48 5.14 -16.58 -37.82
C LEU E 48 4.51 -15.70 -38.89
N ILE E 49 3.99 -16.34 -39.94
CA ILE E 49 3.26 -15.64 -40.99
C ILE E 49 1.89 -15.28 -40.41
N TRP E 50 1.48 -14.03 -40.58
CA TRP E 50 0.21 -13.55 -40.02
C TRP E 50 -0.99 -14.16 -40.73
N SER E 51 -1.99 -14.54 -39.94
CA SER E 51 -3.31 -14.94 -40.46
C SER E 51 -4.37 -14.45 -39.49
N GLN E 52 -5.61 -14.44 -39.96
CA GLN E 52 -6.74 -14.02 -39.14
C GLN E 52 -6.92 -14.94 -37.93
N ARG E 53 -6.98 -16.25 -38.17
CA ARG E 53 -7.18 -17.22 -37.08
C ARG E 53 -6.00 -17.28 -36.11
N ARG E 54 -4.77 -17.22 -36.62
CA ARG E 54 -3.59 -17.12 -35.76
C ARG E 54 -3.79 -16.00 -34.73
N GLN E 55 -4.15 -14.81 -35.20
CA GLN E 55 -4.40 -13.68 -34.29
C GLN E 55 -5.51 -13.98 -33.27
N GLU E 56 -6.60 -14.59 -33.72
CA GLU E 56 -7.68 -14.97 -32.79
C GLU E 56 -7.24 -16.00 -31.75
N ILE E 57 -6.31 -16.87 -32.11
CA ILE E 57 -5.76 -17.86 -31.16
C ILE E 57 -4.94 -17.10 -30.11
N LEU E 58 -4.09 -16.19 -30.59
CA LEU E 58 -3.26 -15.32 -29.75
C LEU E 58 -4.08 -14.40 -28.84
N ASP E 59 -5.16 -13.83 -29.37
CA ASP E 59 -6.04 -12.94 -28.59
C ASP E 59 -6.84 -13.72 -27.55
N LEU E 60 -7.46 -14.83 -27.97
CA LEU E 60 -8.27 -15.68 -27.09
C LEU E 60 -7.42 -16.30 -25.98
N TRP E 61 -6.18 -16.64 -26.30
CA TRP E 61 -5.22 -17.12 -25.30
C TRP E 61 -5.02 -16.06 -24.21
N ILE E 62 -4.73 -14.83 -24.63
CA ILE E 62 -4.58 -13.69 -23.70
C ILE E 62 -5.89 -13.43 -22.94
N TYR E 63 -7.03 -13.53 -23.62
CA TYR E 63 -8.34 -13.32 -23.02
C TYR E 63 -8.64 -14.34 -21.91
N HIS E 64 -8.39 -15.62 -22.19
CA HIS E 64 -8.65 -16.68 -21.20
C HIS E 64 -7.56 -16.80 -20.13
N THR E 65 -6.31 -16.46 -20.48
CA THR E 65 -5.20 -16.48 -19.52
C THR E 65 -5.29 -15.29 -18.58
N GLN E 66 -5.31 -14.08 -19.14
CA GLN E 66 -5.25 -12.84 -18.35
C GLN E 66 -6.54 -12.03 -18.23
N GLY E 67 -7.53 -12.25 -19.10
CA GLY E 67 -8.81 -11.52 -19.02
C GLY E 67 -8.91 -10.25 -19.83
N TYR E 68 -8.01 -10.06 -20.80
CA TYR E 68 -8.02 -8.87 -21.65
C TYR E 68 -8.91 -9.08 -22.89
N PHE E 69 -10.00 -8.29 -22.97
CA PHE E 69 -10.95 -8.35 -24.10
C PHE E 69 -10.18 -8.32 -25.42
N PRO E 70 -10.54 -9.20 -26.37
CA PRO E 70 -9.73 -9.36 -27.60
C PRO E 70 -9.69 -8.16 -28.57
N ASP E 71 -10.50 -7.13 -28.33
CA ASP E 71 -10.51 -5.89 -29.15
C ASP E 71 -9.18 -5.09 -29.27
N TRP E 72 -8.22 -5.33 -28.39
CA TRP E 72 -6.99 -4.52 -28.31
C TRP E 72 -6.02 -4.59 -29.52
N GLN E 73 -5.82 -5.77 -30.12
CA GLN E 73 -4.66 -5.98 -31.04
C GLN E 73 -4.85 -5.51 -32.49
N ASN E 74 -4.96 -4.20 -32.69
CA ASN E 74 -5.05 -3.61 -34.03
C ASN E 74 -3.68 -3.13 -34.51
N TYR E 75 -3.50 -3.09 -35.83
CA TYR E 75 -2.30 -2.54 -36.46
C TYR E 75 -2.71 -1.41 -37.42
N THR E 76 -1.73 -0.69 -37.97
CA THR E 76 -2.00 0.39 -38.92
C THR E 76 -2.45 -0.20 -40.27
N PRO E 77 -3.06 0.63 -41.14
CA PRO E 77 -3.32 0.13 -42.51
C PRO E 77 -2.03 0.03 -43.33
N GLY E 78 -2.06 -0.75 -44.41
CA GLY E 78 -0.89 -0.96 -45.27
C GLY E 78 -0.65 0.19 -46.23
N PRO E 79 0.32 0.07 -47.14
CA PRO E 79 1.22 -1.09 -47.26
C PRO E 79 2.45 -0.97 -46.35
N GLY E 80 3.41 -1.89 -46.52
CA GLY E 80 4.68 -1.82 -45.80
C GLY E 80 4.58 -2.37 -44.39
N ILE E 81 5.45 -1.86 -43.52
CA ILE E 81 5.52 -2.35 -42.13
C ILE E 81 4.28 -1.84 -41.39
N ARG E 82 3.72 -2.70 -40.54
CA ARG E 82 2.42 -2.50 -39.92
C ARG E 82 2.58 -2.38 -38.40
N TYR E 83 2.37 -1.17 -37.87
CA TYR E 83 2.67 -0.85 -36.47
C TYR E 83 1.45 -0.99 -35.55
N PRO E 84 1.64 -1.49 -34.31
CA PRO E 84 0.52 -1.70 -33.40
C PRO E 84 -0.03 -0.42 -32.79
N LEU E 85 -1.34 -0.38 -32.65
CA LEU E 85 -2.06 0.77 -32.09
C LEU E 85 -1.84 0.84 -30.58
N THR E 86 -1.87 -0.32 -29.93
CA THR E 86 -1.59 -0.43 -28.49
C THR E 86 -0.10 -0.23 -28.20
N PHE E 87 0.22 0.90 -27.57
CA PHE E 87 1.58 1.20 -27.17
C PHE E 87 1.97 0.23 -26.07
N GLY E 88 3.18 -0.35 -26.18
CA GLY E 88 3.65 -1.37 -25.24
C GLY E 88 3.76 -2.75 -25.88
N TRP E 89 2.83 -3.05 -26.79
CA TRP E 89 2.91 -4.24 -27.63
C TRP E 89 4.12 -4.11 -28.55
N CYS E 90 5.14 -4.93 -28.30
CA CYS E 90 6.39 -4.91 -29.06
C CYS E 90 6.39 -5.96 -30.18
N PHE E 91 5.37 -5.94 -31.03
CA PHE E 91 5.31 -6.78 -32.23
C PHE E 91 4.77 -5.95 -33.39
N LYS E 92 5.40 -6.10 -34.55
CA LYS E 92 4.99 -5.40 -35.78
C LYS E 92 4.89 -6.41 -36.92
N LEU E 93 3.98 -6.17 -37.86
CA LEU E 93 3.76 -7.07 -38.99
C LEU E 93 4.55 -6.58 -40.20
N VAL E 94 5.65 -7.25 -40.51
CA VAL E 94 6.52 -6.85 -41.63
C VAL E 94 6.19 -7.67 -42.90
N PRO E 95 6.31 -7.06 -44.10
CA PRO E 95 6.15 -7.83 -45.34
C PRO E 95 7.29 -8.82 -45.63
N VAL E 96 7.16 -9.59 -46.70
CA VAL E 96 8.20 -10.51 -47.15
C VAL E 96 7.97 -10.94 -48.59
N GLU E 127 -0.14 -8.87 -50.13
CA GLU E 127 1.04 -8.65 -49.30
C GLU E 127 1.07 -9.63 -48.11
N VAL E 128 2.12 -10.44 -48.03
CA VAL E 128 2.27 -11.48 -46.98
C VAL E 128 2.99 -10.91 -45.77
N LEU E 129 2.37 -10.99 -44.59
CA LEU E 129 2.86 -10.35 -43.36
C LEU E 129 3.47 -11.33 -42.35
N VAL E 130 4.39 -10.83 -41.52
CA VAL E 130 5.11 -11.64 -40.51
C VAL E 130 5.20 -10.92 -39.16
N TRP E 131 4.79 -11.59 -38.09
CA TRP E 131 5.01 -11.11 -36.70
C TRP E 131 6.51 -10.95 -36.44
N ARG E 132 6.93 -9.76 -36.03
CA ARG E 132 8.33 -9.49 -35.68
C ARG E 132 8.41 -8.68 -34.39
N PHE E 133 9.27 -9.12 -33.47
CA PHE E 133 9.51 -8.40 -32.22
C PHE E 133 10.37 -7.18 -32.49
N ASP E 134 10.16 -6.13 -31.70
CA ASP E 134 10.92 -4.90 -31.81
C ASP E 134 10.79 -4.07 -30.52
N SER E 135 11.81 -4.14 -29.66
CA SER E 135 11.79 -3.45 -28.36
C SER E 135 11.80 -1.92 -28.48
N LYS E 136 12.22 -1.41 -29.63
CA LYS E 136 11.98 0.00 -30.02
C LYS E 136 10.53 0.45 -29.82
N LEU E 137 9.58 -0.45 -30.07
CA LEU E 137 8.15 -0.14 -29.95
C LEU E 137 7.66 0.12 -28.52
N ALA E 138 8.44 -0.23 -27.51
CA ALA E 138 8.19 0.18 -26.13
C ALA E 138 8.42 1.69 -25.91
N PHE E 139 9.28 2.29 -26.74
CA PHE E 139 9.70 3.67 -26.61
C PHE E 139 9.06 4.63 -27.61
N HIS E 140 8.86 4.19 -28.86
CA HIS E 140 8.20 5.00 -29.88
C HIS E 140 6.83 4.47 -30.29
N HIS E 141 5.79 5.24 -30.00
CA HIS E 141 4.42 4.91 -30.37
C HIS E 141 4.20 5.30 -31.84
N MET E 142 4.83 4.53 -32.73
CA MET E 142 4.87 4.83 -34.17
C MET E 142 3.49 5.00 -34.79
N ALA E 143 2.52 4.20 -34.35
CA ALA E 143 1.13 4.29 -34.81
C ALA E 143 0.55 5.70 -34.58
N ARG E 144 0.76 6.22 -33.38
CA ARG E 144 0.29 7.56 -33.00
C ARG E 144 0.99 8.69 -33.78
N GLU E 145 2.26 8.47 -34.14
CA GLU E 145 2.99 9.42 -34.97
C GLU E 145 2.59 9.31 -36.46
N LEU E 146 2.21 8.12 -36.91
CA LEU E 146 1.69 7.94 -38.27
C LEU E 146 0.22 8.32 -38.38
N HIS E 147 -0.56 8.12 -37.32
CA HIS E 147 -2.01 8.36 -37.34
C HIS E 147 -2.52 8.97 -36.01
N PRO E 148 -2.24 10.28 -35.79
CA PRO E 148 -2.74 10.96 -34.58
C PRO E 148 -4.26 10.92 -34.43
N GLU E 149 -4.96 10.91 -35.58
CA GLU E 149 -6.41 10.73 -35.70
C GLU E 149 -7.06 9.68 -34.79
N TYR E 150 -6.38 8.56 -34.54
CA TYR E 150 -6.93 7.49 -33.68
C TYR E 150 -6.95 7.89 -32.20
N TYR E 151 -6.03 8.76 -31.78
CA TYR E 151 -5.90 9.17 -30.38
C TYR E 151 -6.22 10.65 -30.23
N ASP F 2 20.95 -7.36 12.94
CA ASP F 2 22.32 -7.02 13.45
C ASP F 2 23.40 -7.50 12.48
N CYS F 3 23.37 -8.80 12.18
CA CYS F 3 24.37 -9.44 11.31
C CYS F 3 24.28 -8.96 9.86
N ALA F 4 23.06 -8.74 9.37
CA ALA F 4 22.84 -8.25 8.00
C ALA F 4 23.44 -6.87 7.73
N TRP F 5 23.49 -6.02 8.76
CA TRP F 5 23.96 -4.63 8.63
C TRP F 5 25.49 -4.59 8.58
N LEU F 6 26.14 -5.40 9.41
CA LEU F 6 27.61 -5.56 9.42
C LEU F 6 28.09 -6.17 8.11
N GLU F 7 27.40 -7.21 7.64
CA GLU F 7 27.66 -7.80 6.32
C GLU F 7 27.44 -6.81 5.19
N ALA F 8 26.40 -5.99 5.31
CA ALA F 8 26.10 -4.96 4.32
C ALA F 8 27.19 -3.88 4.25
N GLN F 9 27.47 -3.22 5.37
CA GLN F 9 28.42 -2.08 5.35
C GLN F 9 29.88 -2.48 5.01
N GLU F 10 30.22 -3.76 5.13
CA GLU F 10 31.49 -4.29 4.62
C GLU F 10 31.44 -4.48 3.10
N GLU F 11 30.30 -4.88 2.55
CA GLU F 11 30.08 -4.85 1.09
C GLU F 11 30.08 -3.40 0.60
N GLU F 12 29.49 -2.50 1.38
CA GLU F 12 29.49 -1.06 1.09
C GLU F 12 30.83 -0.37 1.30
N GLU F 13 31.76 -1.00 2.03
CA GLU F 13 33.07 -0.41 2.35
C GLU F 13 33.84 0.05 1.10
N VAL F 14 33.67 -0.67 -0.02
CA VAL F 14 33.98 -0.11 -1.35
C VAL F 14 32.86 0.86 -1.78
N GLY F 15 33.09 2.13 -1.44
CA GLY F 15 32.07 3.15 -1.13
C GLY F 15 30.71 3.22 -1.78
N PHE F 16 29.66 3.04 -0.95
CA PHE F 16 28.28 3.36 -1.28
C PHE F 16 27.82 4.47 -0.32
N PRO F 17 27.16 5.53 -0.79
CA PRO F 17 27.04 5.87 -2.21
C PRO F 17 28.34 6.43 -2.78
N VAL F 18 29.10 7.09 -1.91
CA VAL F 18 30.40 7.68 -2.24
C VAL F 18 31.36 7.38 -1.10
N ARG F 19 32.65 7.23 -1.42
CA ARG F 19 33.69 7.31 -0.39
C ARG F 19 33.82 8.78 0.00
N PRO F 20 34.02 9.08 1.30
CA PRO F 20 34.03 10.48 1.75
C PRO F 20 35.05 11.37 1.05
N GLN F 21 34.73 12.66 0.99
CA GLN F 21 35.55 13.65 0.26
C GLN F 21 36.84 14.01 1.00
N VAL F 22 36.74 14.12 2.32
CA VAL F 22 37.90 14.44 3.17
C VAL F 22 38.76 13.18 3.40
N PRO F 23 40.08 13.36 3.65
CA PRO F 23 40.93 12.19 3.95
C PRO F 23 40.47 11.42 5.20
N LEU F 24 40.56 10.10 5.14
CA LEU F 24 40.05 9.25 6.21
C LEU F 24 41.05 9.17 7.36
N ARG F 25 40.52 9.29 8.58
CA ARG F 25 41.34 9.30 9.80
C ARG F 25 40.61 8.63 10.97
N PRO F 26 41.34 8.25 12.05
CA PRO F 26 40.68 7.69 13.23
C PRO F 26 40.18 8.77 14.19
N MET F 27 39.16 8.43 14.97
CA MET F 27 38.53 9.35 15.92
C MET F 27 39.53 9.79 17.01
N THR F 28 39.33 11.02 17.50
CA THR F 28 40.22 11.66 18.48
C THR F 28 39.41 12.39 19.55
N TYR F 29 40.08 12.68 20.68
CA TYR F 29 39.45 13.42 21.78
C TYR F 29 38.91 14.76 21.30
N LYS F 30 39.76 15.51 20.60
CA LYS F 30 39.39 16.83 20.07
C LYS F 30 38.13 16.72 19.23
N ALA F 31 38.15 15.79 18.27
CA ALA F 31 37.02 15.55 17.38
C ALA F 31 35.76 15.21 18.16
N ALA F 32 35.87 14.20 19.01
CA ALA F 32 34.76 13.77 19.86
C ALA F 32 34.19 14.91 20.72
N LEU F 33 35.08 15.75 21.25
CA LEU F 33 34.68 16.91 22.06
C LEU F 33 34.01 17.98 21.18
N ASP F 34 34.63 18.29 20.04
CA ASP F 34 34.08 19.29 19.11
C ASP F 34 32.73 18.86 18.52
N ILE F 35 32.66 17.61 18.10
CA ILE F 35 31.46 17.08 17.46
C ILE F 35 30.29 16.98 18.45
N SER F 36 30.53 16.43 19.63
CA SER F 36 29.47 16.29 20.63
C SER F 36 28.91 17.63 21.11
N HIS F 37 29.78 18.62 21.29
CA HIS F 37 29.35 19.98 21.68
C HIS F 37 28.59 20.67 20.54
N PHE F 38 29.01 20.43 19.30
CA PHE F 38 28.31 20.90 18.09
C PHE F 38 26.88 20.36 18.03
N LEU F 39 26.72 19.06 18.23
CA LEU F 39 25.40 18.41 18.18
C LEU F 39 24.41 18.81 19.29
N LYS F 40 24.92 19.36 20.39
CA LYS F 40 24.05 19.87 21.46
C LYS F 40 23.69 21.33 21.21
N GLU F 41 24.69 22.14 20.85
CA GLU F 41 24.48 23.58 20.55
C GLU F 41 23.63 23.78 19.29
N LYS F 42 24.04 23.13 18.21
CA LYS F 42 23.54 23.39 16.87
C LYS F 42 22.44 22.44 16.39
N GLY F 43 22.13 21.40 17.17
CA GLY F 43 21.30 20.30 16.67
C GLY F 43 20.38 19.65 17.67
N GLY F 44 20.03 18.39 17.39
CA GLY F 44 19.09 17.62 18.19
C GLY F 44 19.40 16.13 18.20
N LEU F 45 20.42 15.77 18.95
CA LEU F 45 20.63 14.39 19.40
C LEU F 45 20.02 14.22 20.80
N GLU F 46 20.22 15.22 21.66
CA GLU F 46 19.68 15.26 23.03
C GLU F 46 18.28 14.67 23.15
N GLY F 47 18.12 13.72 24.08
CA GLY F 47 16.80 13.20 24.43
C GLY F 47 16.18 12.15 23.53
N LEU F 48 16.78 11.89 22.36
CA LEU F 48 16.26 10.86 21.45
C LEU F 48 16.51 9.47 22.01
N ILE F 49 15.55 8.57 21.80
CA ILE F 49 15.71 7.17 22.19
C ILE F 49 16.77 6.57 21.27
N TRP F 50 17.67 5.77 21.86
CA TRP F 50 18.73 5.11 21.10
C TRP F 50 18.15 3.97 20.27
N SER F 51 18.66 3.83 19.05
CA SER F 51 18.36 2.68 18.21
C SER F 51 19.61 2.36 17.39
N GLN F 52 19.68 1.13 16.91
CA GLN F 52 20.78 0.68 16.06
C GLN F 52 20.90 1.57 14.83
N ARG F 53 19.77 1.84 14.16
CA ARG F 53 19.79 2.67 12.94
C ARG F 53 20.06 4.14 13.20
N ARG F 54 19.46 4.71 14.24
CA ARG F 54 19.67 6.13 14.57
C ARG F 54 21.15 6.44 14.73
N GLN F 55 21.84 5.61 15.53
CA GLN F 55 23.28 5.73 15.70
C GLN F 55 24.04 5.59 14.37
N GLU F 56 23.61 4.66 13.52
CA GLU F 56 24.23 4.51 12.21
C GLU F 56 24.13 5.79 11.36
N ILE F 57 22.99 6.49 11.42
CA ILE F 57 22.86 7.77 10.68
C ILE F 57 23.91 8.75 11.21
N LEU F 58 23.97 8.88 12.54
CA LEU F 58 24.91 9.77 13.21
C LEU F 58 26.40 9.47 12.93
N ASP F 59 26.75 8.19 12.90
CA ASP F 59 28.12 7.76 12.55
C ASP F 59 28.48 8.08 11.09
N LEU F 60 27.60 7.70 10.16
CA LEU F 60 27.81 7.96 8.73
C LEU F 60 27.83 9.45 8.42
N TRP F 61 27.00 10.22 9.12
CA TRP F 61 27.04 11.67 9.02
C TRP F 61 28.43 12.19 9.39
N ILE F 62 28.98 11.72 10.51
CA ILE F 62 30.34 12.09 10.93
C ILE F 62 31.39 11.55 9.94
N TYR F 63 31.16 10.35 9.41
CA TYR F 63 32.08 9.72 8.45
C TYR F 63 32.21 10.52 7.15
N HIS F 64 31.09 10.90 6.54
CA HIS F 64 31.12 11.61 5.24
C HIS F 64 31.42 13.10 5.39
N THR F 65 30.99 13.69 6.51
CA THR F 65 31.31 15.06 6.85
C THR F 65 32.80 15.22 7.10
N GLN F 66 33.34 14.42 8.02
CA GLN F 66 34.70 14.62 8.53
C GLN F 66 35.58 13.35 8.59
N GLY F 67 35.33 12.38 7.72
CA GLY F 67 36.27 11.26 7.50
C GLY F 67 36.55 10.27 8.62
N TYR F 68 35.74 10.28 9.68
CA TYR F 68 36.01 9.46 10.87
C TYR F 68 35.37 8.08 10.79
N PHE F 69 36.21 7.05 10.57
CA PHE F 69 35.77 5.64 10.43
C PHE F 69 34.70 5.33 11.49
N PRO F 70 33.55 4.77 11.08
CA PRO F 70 32.47 4.56 12.05
C PRO F 70 32.64 3.29 12.88
N ASP F 71 33.73 3.24 13.66
CA ASP F 71 33.99 2.13 14.60
C ASP F 71 34.27 2.66 16.02
N TRP F 72 33.99 3.95 16.24
CA TRP F 72 34.42 4.65 17.45
C TRP F 72 33.34 4.70 18.54
N GLN F 73 32.08 4.84 18.15
CA GLN F 73 30.99 5.12 19.09
C GLN F 73 30.42 3.85 19.74
N ASN F 74 31.23 3.21 20.59
CA ASN F 74 30.80 2.06 21.39
C ASN F 74 30.63 2.54 22.83
N TYR F 75 29.68 1.92 23.55
CA TYR F 75 29.42 2.24 24.95
C TYR F 75 29.64 1.00 25.81
N THR F 76 29.74 1.20 27.12
CA THR F 76 29.97 0.10 28.06
C THR F 76 28.74 -0.81 28.13
N PRO F 77 28.92 -2.10 28.46
CA PRO F 77 27.76 -2.98 28.57
C PRO F 77 26.88 -2.63 29.78
N GLY F 78 25.61 -3.03 29.73
CA GLY F 78 24.64 -2.75 30.78
C GLY F 78 24.74 -3.70 31.97
N PRO F 79 23.78 -3.65 32.90
CA PRO F 79 22.64 -2.72 32.88
C PRO F 79 23.01 -1.29 33.30
N GLY F 80 22.02 -0.41 33.36
CA GLY F 80 22.21 0.96 33.84
C GLY F 80 22.81 1.89 32.81
N ILE F 81 23.64 2.82 33.26
CA ILE F 81 24.11 3.91 32.41
C ILE F 81 25.26 3.41 31.54
N ARG F 82 25.29 3.91 30.30
CA ARG F 82 26.20 3.43 29.26
C ARG F 82 27.17 4.56 28.91
N TYR F 83 28.43 4.42 29.36
CA TYR F 83 29.45 5.45 29.14
C TYR F 83 30.29 5.15 27.89
N PRO F 84 30.64 6.20 27.12
CA PRO F 84 31.37 6.00 25.87
C PRO F 84 32.83 5.61 26.07
N LEU F 85 33.32 4.69 25.23
CA LEU F 85 34.72 4.29 25.27
C LEU F 85 35.65 5.40 24.76
N THR F 86 35.16 6.21 23.81
CA THR F 86 35.95 7.31 23.25
C THR F 86 35.88 8.51 24.20
N PHE F 87 37.01 8.77 24.86
CA PHE F 87 37.13 9.92 25.74
C PHE F 87 37.03 11.17 24.88
N GLY F 88 36.21 12.13 25.30
CA GLY F 88 35.95 13.35 24.53
C GLY F 88 34.50 13.43 24.07
N TRP F 89 33.94 12.29 23.68
CA TRP F 89 32.52 12.19 23.33
C TRP F 89 31.70 12.41 24.60
N CYS F 90 30.90 13.48 24.60
CA CYS F 90 30.11 13.89 25.76
C CYS F 90 28.64 13.54 25.65
N PHE F 91 28.35 12.30 25.25
CA PHE F 91 27.00 11.76 25.32
C PHE F 91 27.06 10.39 25.99
N LYS F 92 26.05 10.09 26.80
CA LYS F 92 25.91 8.79 27.48
C LYS F 92 24.48 8.31 27.29
N LEU F 93 24.30 6.99 27.24
CA LEU F 93 22.97 6.41 27.05
C LEU F 93 22.41 6.05 28.43
N VAL F 94 21.28 6.67 28.81
CA VAL F 94 20.67 6.43 30.13
C VAL F 94 19.31 5.73 29.98
N PRO F 95 18.95 4.85 30.94
CA PRO F 95 17.64 4.20 30.84
C PRO F 95 16.49 5.13 31.25
N VAL F 96 15.26 4.73 30.92
CA VAL F 96 14.06 5.47 31.34
C VAL F 96 12.82 4.59 31.21
N LYS F 126 16.73 -6.01 27.41
CA LYS F 126 17.03 -4.64 27.03
C LYS F 126 16.23 -3.61 27.83
N GLU F 127 16.73 -2.38 27.84
CA GLU F 127 16.10 -1.24 28.50
C GLU F 127 16.05 -0.05 27.53
N VAL F 128 15.10 0.86 27.74
CA VAL F 128 14.89 1.99 26.84
C VAL F 128 15.98 3.04 27.06
N LEU F 129 17.04 2.97 26.25
CA LEU F 129 18.18 3.87 26.35
C LEU F 129 17.93 5.19 25.60
N VAL F 130 18.41 6.30 26.16
CA VAL F 130 18.22 7.64 25.61
C VAL F 130 19.54 8.41 25.62
N TRP F 131 19.87 9.04 24.48
CA TRP F 131 21.04 9.92 24.38
C TRP F 131 20.90 11.12 25.33
N ARG F 132 21.91 11.34 26.17
CA ARG F 132 21.94 12.44 27.13
C ARG F 132 23.33 13.06 27.17
N PHE F 133 23.38 14.39 27.10
CA PHE F 133 24.63 15.13 27.15
C PHE F 133 25.19 15.18 28.56
N ASP F 134 26.51 15.22 28.67
CA ASP F 134 27.18 15.29 29.96
C ASP F 134 28.60 15.86 29.79
N SER F 135 28.78 17.12 30.17
CA SER F 135 30.08 17.81 30.05
C SER F 135 31.14 17.27 31.02
N LYS F 136 30.69 16.58 32.07
CA LYS F 136 31.58 15.81 32.95
C LYS F 136 32.42 14.75 32.19
N LEU F 137 31.89 14.24 31.08
CA LEU F 137 32.60 13.24 30.28
C LEU F 137 33.84 13.79 29.56
N ALA F 138 33.97 15.10 29.47
CA ALA F 138 35.22 15.73 29.00
C ALA F 138 36.36 15.57 30.01
N PHE F 139 36.01 15.41 31.29
CA PHE F 139 36.98 15.37 32.38
C PHE F 139 37.20 13.98 32.99
N HIS F 140 36.16 13.13 33.03
CA HIS F 140 36.29 11.74 33.52
C HIS F 140 36.04 10.66 32.46
N HIS F 141 37.07 9.87 32.16
CA HIS F 141 36.97 8.77 31.20
C HIS F 141 36.40 7.54 31.92
N MET F 142 35.12 7.65 32.29
CA MET F 142 34.39 6.67 33.11
C MET F 142 34.46 5.23 32.58
N ALA F 143 34.50 5.08 31.25
CA ALA F 143 34.67 3.77 30.61
C ALA F 143 35.97 3.11 31.02
N ARG F 144 37.07 3.88 30.97
CA ARG F 144 38.41 3.40 31.33
C ARG F 144 38.54 3.07 32.83
N GLU F 145 37.76 3.77 33.66
CA GLU F 145 37.67 3.45 35.09
C GLU F 145 36.86 2.18 35.36
N LEU F 146 35.73 2.04 34.68
CA LEU F 146 34.88 0.84 34.81
C LEU F 146 35.48 -0.38 34.12
N HIS F 147 36.15 -0.17 32.99
CA HIS F 147 36.69 -1.26 32.17
C HIS F 147 38.11 -0.94 31.65
N PRO F 148 39.13 -0.98 32.54
CA PRO F 148 40.53 -0.83 32.11
C PRO F 148 40.97 -1.86 31.06
N GLU F 149 40.35 -3.04 31.12
CA GLU F 149 40.46 -4.10 30.09
C GLU F 149 40.64 -3.58 28.66
N TYR F 150 39.78 -2.64 28.28
CA TYR F 150 39.73 -2.14 26.90
C TYR F 150 40.96 -1.29 26.53
N TYR F 151 41.66 -0.76 27.53
CA TYR F 151 42.83 0.10 27.31
C TYR F 151 44.04 -0.48 28.06
C1 BOG G . -16.02 15.44 34.97
O1 BOG G . -15.36 15.51 33.70
C2 BOG G . -15.11 16.03 36.05
O2 BOG G . -13.89 15.28 36.17
C3 BOG G . -15.83 16.06 37.40
O3 BOG G . -15.04 16.80 38.35
C4 BOG G . -17.22 16.68 37.29
O4 BOG G . -17.92 16.48 38.53
C5 BOG G . -18.02 16.06 36.15
O5 BOG G . -17.26 16.15 34.94
C6 BOG G . -19.38 16.74 35.94
O6 BOG G . -20.03 16.23 34.77
C1' BOG G . -16.23 15.36 32.58
C2' BOG G . -15.40 15.11 31.32
C3' BOG G . -16.13 14.22 30.32
C4' BOG G . -15.91 14.66 28.89
C5' BOG G . -14.48 14.48 28.44
C6' BOG G . -14.31 14.81 26.95
C7' BOG G . -14.86 13.71 26.05
C8' BOG G . -14.21 13.79 24.68
C1 BOG H . -5.54 -21.04 -18.17
O1 BOG H . -6.36 -21.11 -19.33
C2 BOG H . -6.40 -20.73 -16.94
O2 BOG H . -7.05 -19.47 -17.10
C3 BOG H . -5.53 -20.70 -15.68
O3 BOG H . -6.36 -20.63 -14.53
C4 BOG H . -4.63 -21.93 -15.57
O4 BOG H . -3.65 -21.69 -14.56
C5 BOG H . -3.92 -22.26 -16.90
O5 BOG H . -4.87 -22.29 -17.97
C6 BOG H . -3.20 -23.61 -16.82
O6 BOG H . -2.71 -23.98 -18.12
C1' BOG H . -5.62 -21.26 -20.55
C2' BOG H . -6.54 -21.18 -21.76
C3' BOG H . -5.73 -20.83 -23.00
C4' BOG H . -6.34 -21.36 -24.30
C5' BOG H . -7.56 -20.54 -24.71
C6' BOG H . -8.11 -20.97 -26.07
C7' BOG H . -7.18 -20.59 -27.20
C8' BOG H . -7.94 -20.46 -28.51
C1 BOG I . 28.64 17.64 2.77
O1 BOG I . 27.85 16.92 3.73
C2 BOG I . 28.48 19.14 3.03
O2 BOG I . 27.12 19.53 2.81
C3 BOG I . 29.40 19.96 2.13
O3 BOG I . 29.42 21.30 2.61
C4 BOG I . 30.83 19.41 2.08
O4 BOG I . 31.56 20.01 1.01
C5 BOG I . 30.86 17.89 1.91
O5 BOG I . 30.02 17.27 2.89
C6 BOG I . 32.29 17.36 2.03
O6 BOG I . 32.29 15.94 2.15
C1' BOG I . 27.91 15.51 3.58
C2' BOG I . 26.72 14.87 4.29
C3' BOG I . 26.62 13.38 3.94
C4' BOG I . 26.22 12.52 5.14
C5' BOG I . 24.72 12.56 5.41
C6' BOG I . 24.24 11.44 6.33
C7' BOG I . 24.20 10.07 5.65
C8' BOG I . 23.50 9.06 6.53
#